data_8BPY
#
_entry.id   8BPY
#
_cell.length_a   222.423
_cell.length_b   222.423
_cell.length_c   120.257
_cell.angle_alpha   90.00
_cell.angle_beta   90.00
_cell.angle_gamma   90.00
#
_symmetry.space_group_name_H-M   'I 4 2 2'
#
loop_
_entity.id
_entity.type
_entity.pdbx_description
1 polymer "High affinity cGMP-specific 3',5'-cyclic phosphodiesterase 9A"
2 non-polymer 'ZINC ION'
3 non-polymer 'MAGNESIUM ION'
4 non-polymer 'SODIUM ION'
5 non-polymer (8~{S})-6-[2-(2,3-dihydroindol-1-yl)-2-oxidanylidene-ethyl]-4-(4-methylphenyl)-2-oxidanylidene-8-propyl-1,5,7,8-tetrahydro-1,6-naphthyridine-3-carbonitrile
#
_entity_poly.entity_id   1
_entity_poly.type   'polypeptide(L)'
_entity_poly.pdbx_seq_one_letter_code
;LLSPETIEALRKPTFDVWLWEPNEMLSCLEHMYHDLGLVRDFSINPVTLRRWLFCVHDNYRNNPFHNFRHCFCVAQMMYS
MVWLCSLQEKFSQTDILILMTAAICHDLDHPGYNNTYQINARTELAVRYNDISPLENHHCAVAFQILAEPECNIFSNIPP
DGFKQIRQGMITLILATDMARHAEIMDSFKEKMENFDYSNEEHMTLLKMILIKCCDISNEVRPMEVAEPWVDCLLEEYFM
QSDREKSEGLPVAPFMDRDKVTKATAQIGFIKFVLIPMFETVTKLFPMVEEIMLQPLWESRDRYEELKRIDDAMK
;
_entity_poly.pdbx_strand_id   A,B
#
loop_
_chem_comp.id
_chem_comp.type
_chem_comp.name
_chem_comp.formula
MG non-polymer 'MAGNESIUM ION' 'Mg 2'
NA non-polymer 'SODIUM ION' 'Na 1'
R4I non-polymer (8~{S})-6-[2-(2,3-dihydroindol-1-yl)-2-oxidanylidene-ethyl]-4-(4-methylphenyl)-2-oxidanylidene-8-propyl-1,5,7,8-tetrahydro-1,6-naphthyridine-3-carbonitrile 'C29 H30 N4 O2'
ZN non-polymer 'ZINC ION' 'Zn 2'
#
# COMPACT_ATOMS: atom_id res chain seq x y z
N LEU A 1 -1.90 37.92 14.21
CA LEU A 1 -0.41 38.08 13.83
C LEU A 1 0.64 38.05 14.99
N LEU A 2 1.96 38.05 14.67
CA LEU A 2 2.95 37.44 15.60
C LEU A 2 3.90 38.30 16.43
N SER A 3 3.72 38.16 17.77
CA SER A 3 4.54 38.75 18.87
C SER A 3 6.01 38.30 18.74
N PRO A 4 6.95 39.21 18.46
CA PRO A 4 8.40 38.85 18.44
C PRO A 4 8.90 38.00 19.60
N GLU A 5 8.25 38.12 20.77
CA GLU A 5 8.42 37.18 21.92
C GLU A 5 7.94 35.77 21.51
N THR A 6 6.67 35.66 21.13
CA THR A 6 6.06 34.42 20.63
C THR A 6 6.91 33.84 19.54
N ILE A 7 7.32 34.71 18.63
CA ILE A 7 8.16 34.33 17.49
C ILE A 7 9.33 33.52 18.02
N GLU A 8 9.97 34.00 19.09
CA GLU A 8 11.02 33.28 19.79
C GLU A 8 10.53 31.98 20.42
N ALA A 9 9.39 32.08 21.10
CA ALA A 9 8.84 31.00 21.92
C ALA A 9 8.43 29.78 21.13
N LEU A 10 8.01 30.03 19.88
CA LEU A 10 7.37 29.04 19.01
C LEU A 10 8.30 27.95 18.52
N ARG A 11 9.59 28.27 18.46
CA ARG A 11 10.63 27.35 18.00
C ARG A 11 11.04 26.30 19.07
N LYS A 12 10.59 26.48 20.31
CA LYS A 12 10.95 25.63 21.46
C LYS A 12 9.81 24.69 21.84
N PRO A 13 10.13 23.44 22.23
CA PRO A 13 9.08 22.46 22.62
C PRO A 13 8.28 22.79 23.91
N THR A 14 8.76 23.80 24.64
CA THR A 14 8.05 24.40 25.77
C THR A 14 6.71 24.92 25.28
N PHE A 15 6.70 26.06 24.57
CA PHE A 15 5.53 26.69 23.87
C PHE A 15 4.11 26.13 24.17
N ASP A 16 3.28 26.96 24.79
CA ASP A 16 2.04 26.46 25.35
C ASP A 16 0.96 26.37 24.27
N VAL A 17 0.85 25.21 23.64
CA VAL A 17 -0.09 25.04 22.52
C VAL A 17 -1.56 25.22 22.91
N TRP A 18 -1.86 25.20 24.21
CA TRP A 18 -3.23 25.36 24.70
C TRP A 18 -3.72 26.84 24.81
N LEU A 19 -2.79 27.79 24.75
CA LEU A 19 -3.17 29.22 24.77
C LEU A 19 -3.60 29.72 23.40
N TRP A 20 -3.82 28.82 22.42
CA TRP A 20 -4.06 29.20 21.00
C TRP A 20 -5.33 28.61 20.42
N GLU A 21 -6.05 29.39 19.63
CA GLU A 21 -7.26 28.93 18.97
C GLU A 21 -6.80 28.30 17.68
N PRO A 22 -7.70 27.62 16.97
CA PRO A 22 -7.40 27.27 15.62
C PRO A 22 -6.79 28.44 14.84
N ASN A 23 -7.58 29.47 14.56
CA ASN A 23 -7.19 30.38 13.52
C ASN A 23 -5.89 31.19 13.90
N GLU A 24 -5.50 31.17 15.17
CA GLU A 24 -4.21 31.68 15.62
C GLU A 24 -3.11 30.65 15.32
N MET A 25 -3.39 29.37 15.60
CA MET A 25 -2.44 28.29 15.24
C MET A 25 -2.14 28.29 13.74
N LEU A 26 -3.16 28.48 12.92
CA LEU A 26 -2.97 28.67 11.47
C LEU A 26 -2.04 29.85 11.14
N SER A 27 -2.20 30.95 11.86
CA SER A 27 -1.29 32.08 11.68
C SER A 27 0.12 31.73 12.12
N CYS A 28 0.24 30.82 13.08
CA CYS A 28 1.56 30.28 13.45
C CYS A 28 2.18 29.38 12.38
N LEU A 29 1.36 28.55 11.75
CA LEU A 29 1.84 27.70 10.65
C LEU A 29 2.31 28.53 9.44
N GLU A 30 1.50 29.50 9.06
CA GLU A 30 1.89 30.49 8.06
C GLU A 30 3.27 31.07 8.35
N HIS A 31 3.54 31.32 9.61
CA HIS A 31 4.77 31.96 10.00
C HIS A 31 5.91 31.06 9.71
N MET A 32 5.77 29.82 10.15
CA MET A 32 6.84 28.84 10.01
C MET A 32 7.30 28.70 8.53
N TYR A 33 6.36 28.64 7.59
CA TYR A 33 6.73 28.56 6.18
C TYR A 33 7.50 29.78 5.70
N HIS A 34 7.00 30.96 6.07
CA HIS A 34 7.71 32.22 5.79
C HIS A 34 9.11 32.25 6.45
N ASP A 35 9.13 31.95 7.74
CA ASP A 35 10.37 31.97 8.52
C ASP A 35 11.41 30.99 8.01
N LEU A 36 10.96 29.80 7.64
CA LEU A 36 11.86 28.75 7.15
C LEU A 36 12.38 29.02 5.75
N GLY A 37 11.78 29.98 5.06
CA GLY A 37 12.23 30.37 3.74
C GLY A 37 11.58 29.53 2.66
N LEU A 38 10.59 28.75 3.04
CA LEU A 38 9.85 27.98 2.08
C LEU A 38 9.10 28.93 1.11
N VAL A 39 8.46 29.97 1.62
CA VAL A 39 7.64 30.81 0.76
C VAL A 39 8.52 31.43 -0.31
N ARG A 40 9.66 32.00 0.06
CA ARG A 40 10.55 32.61 -0.93
C ARG A 40 11.16 31.61 -1.91
N ASP A 41 11.59 30.46 -1.40
CA ASP A 41 12.38 29.51 -2.17
C ASP A 41 11.58 28.62 -3.13
N PHE A 42 10.29 28.46 -2.88
CA PHE A 42 9.37 27.71 -3.76
C PHE A 42 8.22 28.58 -4.26
N SER A 43 8.49 29.88 -4.34
CA SER A 43 7.56 30.89 -4.83
C SER A 43 6.15 30.52 -4.50
N ILE A 44 5.90 30.36 -3.21
CA ILE A 44 4.58 30.05 -2.74
C ILE A 44 3.85 31.36 -2.70
N ASN A 45 2.61 31.33 -3.15
CA ASN A 45 1.76 32.52 -3.11
C ASN A 45 1.28 32.72 -1.66
N PRO A 46 1.50 33.92 -1.09
CA PRO A 46 1.09 34.08 0.29
C PRO A 46 -0.39 34.01 0.54
N VAL A 47 -1.21 34.35 -0.42
CA VAL A 47 -2.65 34.14 -0.26
C VAL A 47 -2.94 32.64 -0.28
N THR A 48 -2.46 31.97 -1.32
CA THR A 48 -2.60 30.51 -1.46
C THR A 48 -2.07 29.71 -0.25
N LEU A 49 -1.00 30.17 0.40
CA LEU A 49 -0.55 29.56 1.66
C LEU A 49 -1.57 29.68 2.77
N ARG A 50 -2.21 30.85 2.88
CA ARG A 50 -3.30 31.00 3.85
C ARG A 50 -4.46 30.11 3.48
N ARG A 51 -4.92 30.17 2.22
CA ARG A 51 -6.07 29.37 1.78
C ARG A 51 -5.90 27.86 2.01
N TRP A 52 -4.67 27.37 1.84
CA TRP A 52 -4.37 25.94 1.94
C TRP A 52 -4.50 25.49 3.37
N LEU A 53 -3.86 26.25 4.26
CA LEU A 53 -3.93 25.97 5.67
C LEU A 53 -5.39 25.94 6.10
N PHE A 54 -6.24 26.79 5.51
CA PHE A 54 -7.65 26.79 5.90
C PHE A 54 -8.26 25.51 5.40
N CYS A 55 -8.01 25.24 4.13
CA CYS A 55 -8.41 24.00 3.49
C CYS A 55 -8.01 22.77 4.31
N VAL A 56 -6.78 22.77 4.82
CA VAL A 56 -6.26 21.68 5.66
C VAL A 56 -7.07 21.58 6.95
N HIS A 57 -7.09 22.67 7.70
CA HIS A 57 -7.83 22.75 8.96
C HIS A 57 -9.22 22.17 8.75
N ASP A 58 -9.91 22.73 7.77
CA ASP A 58 -11.23 22.30 7.39
C ASP A 58 -11.38 20.79 7.41
N ASN A 59 -10.39 20.09 6.85
CA ASN A 59 -10.43 18.62 6.64
C ASN A 59 -9.89 17.68 7.76
N TYR A 60 -9.42 18.23 8.89
CA TYR A 60 -9.32 17.46 10.15
C TYR A 60 -10.67 17.48 10.82
N ARG A 61 -11.02 16.37 11.48
CA ARG A 61 -12.34 16.24 12.15
C ARG A 61 -12.24 16.67 13.62
N ASN A 62 -13.37 16.68 14.33
CA ASN A 62 -13.41 17.08 15.76
C ASN A 62 -13.28 15.88 16.69
N ASN A 63 -12.18 15.16 16.56
CA ASN A 63 -11.92 14.02 17.43
C ASN A 63 -11.29 14.54 18.72
N PRO A 64 -11.42 13.79 19.83
CA PRO A 64 -10.78 14.17 21.10
C PRO A 64 -9.27 14.40 21.02
N PHE A 65 -8.56 13.56 20.25
CA PHE A 65 -7.09 13.64 20.03
C PHE A 65 -6.69 13.95 18.56
N HIS A 66 -7.21 13.16 17.60
CA HIS A 66 -6.82 13.28 16.18
C HIS A 66 -7.61 14.36 15.46
N ASN A 67 -7.27 15.60 15.88
CA ASN A 67 -7.90 16.85 15.44
C ASN A 67 -6.81 17.80 14.97
N PHE A 68 -7.21 18.99 14.53
CA PHE A 68 -6.24 19.98 14.04
C PHE A 68 -5.09 20.30 15.02
N ARG A 69 -5.39 20.31 16.32
CA ARG A 69 -4.42 20.71 17.33
C ARG A 69 -3.25 19.71 17.48
N HIS A 70 -3.53 18.42 17.27
CA HIS A 70 -2.49 17.36 17.10
C HIS A 70 -1.61 17.79 15.93
N CYS A 71 -2.22 18.03 14.78
CA CYS A 71 -1.46 18.35 13.56
C CYS A 71 -0.59 19.56 13.81
N PHE A 72 -1.16 20.59 14.40
CA PHE A 72 -0.37 21.76 14.72
C PHE A 72 0.80 21.41 15.63
N CYS A 73 0.55 20.62 16.66
CA CYS A 73 1.61 20.22 17.59
C CYS A 73 2.79 19.56 16.87
N VAL A 74 2.45 18.58 16.02
CA VAL A 74 3.41 17.77 15.28
C VAL A 74 4.26 18.66 14.38
N ALA A 75 3.56 19.54 13.64
CA ALA A 75 4.22 20.56 12.87
C ALA A 75 5.16 21.36 13.75
N GLN A 76 4.59 22.04 14.74
CA GLN A 76 5.36 22.89 15.67
C GLN A 76 6.55 22.16 16.32
N MET A 77 6.43 20.86 16.56
CA MET A 77 7.58 20.09 17.03
C MET A 77 8.63 19.95 15.93
N MET A 78 8.21 19.62 14.71
CA MET A 78 9.13 19.55 13.54
C MET A 78 9.89 20.86 13.27
N TYR A 79 9.16 21.97 13.37
CA TYR A 79 9.74 23.30 13.35
C TYR A 79 10.72 23.43 14.47
N SER A 80 10.33 22.99 15.67
CA SER A 80 11.21 23.01 16.84
C SER A 80 12.47 22.21 16.62
N MET A 81 12.31 20.99 16.12
CA MET A 81 13.45 20.12 15.83
C MET A 81 14.35 20.71 14.74
N VAL A 82 13.76 21.42 13.78
CA VAL A 82 14.53 22.08 12.73
C VAL A 82 15.48 23.12 13.32
N TRP A 83 15.06 23.88 14.32
CA TRP A 83 15.95 24.85 14.96
C TRP A 83 16.92 24.23 15.94
N LEU A 84 16.41 23.35 16.80
CA LEU A 84 17.21 22.69 17.83
C LEU A 84 18.45 22.01 17.21
N CYS A 85 18.21 21.09 16.28
CA CYS A 85 19.24 20.27 15.66
C CYS A 85 19.89 20.91 14.39
N SER A 86 19.59 22.18 14.13
CA SER A 86 20.06 22.89 12.93
C SER A 86 19.86 22.10 11.64
N LEU A 87 18.65 21.57 11.43
CA LEU A 87 18.38 20.70 10.29
C LEU A 87 18.54 21.34 8.89
N GLN A 88 18.50 22.67 8.81
CA GLN A 88 18.66 23.33 7.52
C GLN A 88 20.09 23.22 6.96
N GLU A 89 21.05 22.85 7.83
CA GLU A 89 22.40 22.43 7.43
C GLU A 89 22.43 21.03 6.83
N LYS A 90 21.68 20.11 7.40
CA LYS A 90 21.74 18.71 6.99
C LYS A 90 20.70 18.32 5.96
N PHE A 91 19.80 19.25 5.58
CA PHE A 91 18.73 18.97 4.60
C PHE A 91 18.51 20.08 3.62
N SER A 92 17.94 19.69 2.47
CA SER A 92 17.60 20.66 1.45
C SER A 92 16.34 21.38 1.86
N GLN A 93 16.09 22.51 1.24
CA GLN A 93 14.81 23.15 1.39
C GLN A 93 13.69 22.24 0.92
N THR A 94 13.97 21.43 -0.10
CA THR A 94 12.95 20.48 -0.59
C THR A 94 12.68 19.31 0.38
N ASP A 95 13.67 18.95 1.19
CA ASP A 95 13.49 18.00 2.30
C ASP A 95 12.75 18.68 3.42
N ILE A 96 13.21 19.87 3.81
CA ILE A 96 12.54 20.66 4.84
C ILE A 96 11.05 20.86 4.54
N LEU A 97 10.77 21.36 3.33
CA LEU A 97 9.39 21.50 2.83
C LEU A 97 8.58 20.22 3.01
N ILE A 98 9.17 19.10 2.61
CA ILE A 98 8.52 17.81 2.71
C ILE A 98 8.17 17.47 4.15
N LEU A 99 9.10 17.73 5.07
CA LEU A 99 8.91 17.44 6.50
C LEU A 99 7.77 18.25 7.08
N MET A 100 7.86 19.56 6.93
CA MET A 100 6.80 20.42 7.41
C MET A 100 5.46 19.99 6.82
N THR A 101 5.36 20.00 5.49
CA THR A 101 4.08 19.71 4.82
C THR A 101 3.50 18.32 5.12
N ALA A 102 4.36 17.34 5.29
CA ALA A 102 3.93 16.04 5.80
C ALA A 102 3.32 16.24 7.19
N ALA A 103 4.12 16.76 8.11
CA ALA A 103 3.73 16.94 9.51
C ALA A 103 2.31 17.49 9.67
N ILE A 104 2.04 18.55 8.93
CA ILE A 104 0.72 19.17 8.91
C ILE A 104 -0.34 18.20 8.42
N CYS A 105 -0.08 17.50 7.32
CA CYS A 105 -1.08 16.64 6.66
C CYS A 105 -1.22 15.18 7.20
N HIS A 106 -0.35 14.78 8.14
CA HIS A 106 -0.09 13.35 8.41
C HIS A 106 -1.18 12.47 9.04
N ASP A 107 -2.14 13.08 9.74
CA ASP A 107 -3.24 12.34 10.37
C ASP A 107 -4.57 12.89 9.85
N LEU A 108 -4.50 13.53 8.70
CA LEU A 108 -5.67 14.18 7.99
C LEU A 108 -6.93 13.33 7.81
N ASP A 109 -8.07 13.95 7.97
CA ASP A 109 -9.39 13.28 7.94
C ASP A 109 -9.52 12.05 8.83
N HIS A 110 -8.85 12.08 9.97
CA HIS A 110 -8.89 10.94 10.90
C HIS A 110 -10.32 10.77 11.42
N PRO A 111 -10.87 9.54 11.36
CA PRO A 111 -12.26 9.32 11.79
C PRO A 111 -12.41 9.00 13.29
N GLY A 112 -11.31 8.68 13.96
CA GLY A 112 -11.21 8.63 15.42
C GLY A 112 -10.79 7.23 15.87
N TYR A 113 -11.09 6.28 15.00
CA TYR A 113 -10.90 4.85 15.19
C TYR A 113 -9.77 4.34 14.27
N ASN A 114 -8.76 3.72 14.89
CA ASN A 114 -7.55 3.29 14.16
C ASN A 114 -7.77 2.19 13.08
N ASN A 115 -6.66 1.71 12.53
CA ASN A 115 -6.68 0.72 11.45
C ASN A 115 -7.31 -0.58 11.94
N THR A 116 -6.83 -1.07 13.10
CA THR A 116 -7.40 -2.23 13.78
C THR A 116 -8.90 -2.17 13.67
N TYR A 117 -9.50 -1.07 14.17
CA TYR A 117 -10.92 -0.91 14.00
C TYR A 117 -11.30 -0.94 12.50
N GLN A 118 -10.64 -0.11 11.68
CA GLN A 118 -10.97 -0.05 10.25
C GLN A 118 -11.02 -1.44 9.60
N ILE A 119 -9.98 -2.22 9.90
CA ILE A 119 -9.78 -3.57 9.37
C ILE A 119 -10.90 -4.50 9.86
N ASN A 120 -10.87 -4.82 11.17
CA ASN A 120 -11.79 -5.79 11.81
C ASN A 120 -13.22 -5.56 11.36
N ALA A 121 -13.66 -4.30 11.41
CA ALA A 121 -15.03 -3.91 11.00
C ALA A 121 -15.34 -3.83 9.48
N ARG A 122 -14.38 -4.16 8.61
CA ARG A 122 -14.55 -4.09 7.14
C ARG A 122 -15.15 -2.77 6.67
N THR A 123 -14.49 -1.69 7.09
CA THR A 123 -14.88 -0.31 6.80
C THR A 123 -14.61 0.01 5.35
N GLU A 124 -15.44 0.84 4.72
CA GLU A 124 -15.23 1.23 3.30
C GLU A 124 -13.76 1.55 3.01
N LEU A 125 -13.12 2.13 4.04
CA LEU A 125 -11.71 2.45 4.01
C LEU A 125 -10.82 1.21 3.85
N ALA A 126 -10.84 0.33 4.84
CA ALA A 126 -9.98 -0.85 4.86
C ALA A 126 -10.27 -1.80 3.69
N VAL A 127 -11.54 -1.90 3.29
CA VAL A 127 -11.91 -2.52 2.01
C VAL A 127 -11.11 -1.89 0.86
N ARG A 128 -11.19 -0.57 0.75
CA ARG A 128 -10.53 0.18 -0.30
C ARG A 128 -8.99 0.18 -0.25
N TYR A 129 -8.38 0.03 0.92
CA TYR A 129 -6.90 0.03 1.04
C TYR A 129 -6.32 -1.33 1.48
N ASN A 130 -7.14 -2.38 1.36
CA ASN A 130 -6.68 -3.75 1.55
C ASN A 130 -5.83 -3.91 2.78
N ASP A 131 -6.37 -3.50 3.91
CA ASP A 131 -5.73 -3.62 5.21
C ASP A 131 -4.29 -3.13 5.31
N ILE A 132 -3.76 -2.46 4.27
CA ILE A 132 -2.42 -1.87 4.38
C ILE A 132 -2.67 -0.41 4.72
N SER A 133 -2.30 -0.06 5.96
CA SER A 133 -2.52 1.26 6.53
C SER A 133 -3.64 2.05 5.85
N PRO A 134 -4.92 1.60 6.01
CA PRO A 134 -6.00 2.32 5.32
C PRO A 134 -6.08 3.78 5.76
N LEU A 135 -5.85 4.04 7.05
CA LEU A 135 -5.74 5.40 7.54
C LEU A 135 -4.65 6.13 6.78
N GLU A 136 -3.40 5.74 7.00
CA GLU A 136 -2.30 6.57 6.56
C GLU A 136 -2.27 6.73 5.03
N ASN A 137 -2.78 5.76 4.29
CA ASN A 137 -2.99 5.93 2.84
C ASN A 137 -3.94 7.10 2.60
N HIS A 138 -5.06 7.07 3.31
CA HIS A 138 -6.12 8.08 3.17
C HIS A 138 -5.62 9.48 3.50
N HIS A 139 -4.88 9.58 4.61
CA HIS A 139 -4.27 10.83 4.99
C HIS A 139 -3.64 11.43 3.73
N CYS A 140 -2.72 10.71 3.08
CA CYS A 140 -2.06 11.21 1.85
C CYS A 140 -3.02 11.58 0.76
N ALA A 141 -3.96 10.69 0.49
CA ALA A 141 -4.89 10.85 -0.60
C ALA A 141 -5.67 12.12 -0.47
N VAL A 142 -6.11 12.39 0.76
CA VAL A 142 -6.69 13.68 1.08
C VAL A 142 -5.63 14.73 0.83
N ALA A 143 -4.49 14.63 1.51
CA ALA A 143 -3.45 15.69 1.40
C ALA A 143 -3.23 16.23 -0.01
N PHE A 144 -3.34 15.35 -1.02
CA PHE A 144 -3.17 15.74 -2.42
C PHE A 144 -4.41 16.06 -3.18
N GLN A 145 -5.54 15.51 -2.76
CA GLN A 145 -6.84 15.99 -3.27
C GLN A 145 -6.96 17.47 -2.99
N ILE A 146 -6.52 17.85 -1.79
CA ILE A 146 -6.47 19.23 -1.35
C ILE A 146 -5.54 20.04 -2.24
N LEU A 147 -4.29 19.57 -2.34
CA LEU A 147 -3.29 20.27 -3.15
C LEU A 147 -3.64 20.33 -4.66
N ALA A 148 -4.45 19.38 -5.12
CA ALA A 148 -5.00 19.42 -6.45
C ALA A 148 -5.89 20.64 -6.69
N GLU A 149 -6.64 21.06 -5.68
CA GLU A 149 -7.53 22.19 -5.83
C GLU A 149 -6.67 23.40 -6.02
N PRO A 150 -6.85 24.12 -7.15
CA PRO A 150 -5.88 25.11 -7.50
C PRO A 150 -5.76 26.17 -6.40
N GLU A 151 -6.86 26.57 -5.76
CA GLU A 151 -6.77 27.59 -4.73
C GLU A 151 -6.09 27.15 -3.43
N CYS A 152 -5.94 25.85 -3.25
CA CYS A 152 -5.15 25.31 -2.14
C CYS A 152 -3.80 24.72 -2.57
N ASN A 153 -3.39 24.99 -3.82
CA ASN A 153 -2.16 24.41 -4.35
C ASN A 153 -0.99 25.32 -4.08
N ILE A 154 -0.32 25.06 -2.98
CA ILE A 154 0.81 25.86 -2.58
C ILE A 154 2.05 25.50 -3.39
N PHE A 155 2.02 24.34 -4.04
CA PHE A 155 3.10 23.93 -4.93
C PHE A 155 2.94 24.46 -6.35
N SER A 156 1.94 25.29 -6.61
CA SER A 156 1.62 25.68 -7.97
C SER A 156 2.76 26.26 -8.79
N ASN A 157 3.81 26.77 -8.14
CA ASN A 157 4.97 27.33 -8.86
C ASN A 157 6.24 26.49 -8.82
N ILE A 158 6.08 25.29 -8.28
CA ILE A 158 7.06 24.23 -8.39
C ILE A 158 6.74 23.51 -9.70
N PRO A 159 7.75 23.29 -10.57
CA PRO A 159 7.49 22.51 -11.77
C PRO A 159 7.46 21.03 -11.43
N PRO A 160 7.03 20.16 -12.37
CA PRO A 160 6.83 18.72 -12.12
C PRO A 160 8.01 17.92 -11.54
N ASP A 161 9.25 18.30 -11.84
CA ASP A 161 10.37 17.54 -11.29
C ASP A 161 10.33 17.68 -9.79
N GLY A 162 10.26 18.92 -9.32
CA GLY A 162 10.00 19.24 -7.93
C GLY A 162 8.80 18.53 -7.32
N PHE A 163 7.65 18.70 -7.92
CA PHE A 163 6.45 18.11 -7.36
C PHE A 163 6.53 16.62 -7.19
N LYS A 164 6.98 15.91 -8.23
CA LYS A 164 7.14 14.45 -8.17
C LYS A 164 7.96 14.07 -6.91
N GLN A 165 9.05 14.80 -6.70
CA GLN A 165 9.98 14.54 -5.61
C GLN A 165 9.34 14.73 -4.24
N ILE A 166 8.58 15.81 -4.11
CA ILE A 166 7.89 16.14 -2.86
C ILE A 166 6.79 15.14 -2.60
N ARG A 167 6.00 14.84 -3.64
CA ARG A 167 4.98 13.83 -3.53
C ARG A 167 5.54 12.53 -2.96
N GLN A 168 6.54 11.93 -3.62
CA GLN A 168 7.15 10.70 -3.05
C GLN A 168 7.54 10.97 -1.59
N GLY A 169 8.29 12.04 -1.36
CA GLY A 169 8.76 12.40 -0.01
C GLY A 169 7.68 12.49 1.06
N MET A 170 6.57 13.12 0.71
CA MET A 170 5.45 13.25 1.65
C MET A 170 4.80 11.91 1.90
N ILE A 171 4.46 11.22 0.83
CA ILE A 171 3.86 9.90 0.91
C ILE A 171 4.69 8.91 1.77
N THR A 172 6.01 8.93 1.63
CA THR A 172 6.85 8.10 2.50
C THR A 172 6.59 8.48 3.96
N LEU A 173 6.84 9.75 4.28
CA LEU A 173 6.82 10.20 5.65
C LEU A 173 5.46 10.05 6.33
N ILE A 174 4.38 10.24 5.58
CA ILE A 174 3.04 10.08 6.16
C ILE A 174 2.77 8.61 6.42
N LEU A 175 3.13 7.76 5.47
CA LEU A 175 2.91 6.34 5.65
C LEU A 175 3.75 5.73 6.78
N ALA A 176 4.91 6.30 7.06
CA ALA A 176 5.72 5.84 8.21
C ALA A 176 5.07 6.09 9.60
N THR A 177 4.03 6.92 9.67
CA THR A 177 3.35 7.23 10.94
C THR A 177 2.25 6.23 11.31
N ASP A 178 2.16 5.12 10.56
CA ASP A 178 1.54 3.91 11.07
C ASP A 178 2.52 3.32 12.11
N MET A 179 2.00 2.92 13.26
CA MET A 179 2.83 2.38 14.35
C MET A 179 3.03 0.90 14.23
N ALA A 180 2.14 0.20 13.54
CA ALA A 180 2.39 -1.18 13.13
C ALA A 180 3.81 -1.37 12.58
N ARG A 181 4.31 -0.36 11.86
CA ARG A 181 5.68 -0.36 11.35
C ARG A 181 6.73 0.23 12.29
N HIS A 182 6.46 0.39 13.58
CA HIS A 182 7.39 1.17 14.43
C HIS A 182 8.74 0.49 14.59
N ALA A 183 8.69 -0.81 14.91
CA ALA A 183 9.92 -1.58 15.18
C ALA A 183 10.63 -1.86 13.86
N GLU A 184 9.86 -2.24 12.84
CA GLU A 184 10.37 -2.33 11.48
C GLU A 184 11.29 -1.13 11.21
N ILE A 185 10.71 0.06 11.23
CA ILE A 185 11.41 1.32 10.97
C ILE A 185 12.53 1.58 11.99
N MET A 186 12.26 1.32 13.27
CA MET A 186 13.26 1.55 14.30
C MET A 186 14.48 0.61 14.18
N ASP A 187 14.25 -0.63 13.73
CA ASP A 187 15.35 -1.59 13.51
C ASP A 187 16.26 -1.10 12.40
N SER A 188 15.65 -0.92 11.22
CA SER A 188 16.33 -0.45 10.03
C SER A 188 17.08 0.84 10.29
N PHE A 189 16.51 1.72 11.11
CA PHE A 189 17.19 2.95 11.52
C PHE A 189 18.43 2.70 12.40
N LYS A 190 18.33 1.74 13.32
CA LYS A 190 19.48 1.44 14.18
C LYS A 190 20.59 0.78 13.39
N GLU A 191 20.21 -0.11 12.47
CA GLU A 191 21.17 -0.73 11.53
C GLU A 191 22.01 0.33 10.84
N LYS A 192 21.36 1.31 10.23
CA LYS A 192 22.07 2.37 9.47
C LYS A 192 22.81 3.37 10.39
N MET A 193 22.53 3.31 11.69
CA MET A 193 23.14 4.20 12.68
C MET A 193 24.61 3.86 13.00
N GLU A 194 24.99 2.60 12.79
CA GLU A 194 26.36 2.15 13.02
C GLU A 194 27.36 3.08 12.33
N ASN A 195 27.15 3.27 11.03
CA ASN A 195 27.93 4.20 10.21
C ASN A 195 27.02 5.11 9.37
N PHE A 196 26.46 6.15 10.01
CA PHE A 196 25.50 7.06 9.36
C PHE A 196 26.19 7.97 8.37
N ASP A 197 25.56 8.11 7.21
CA ASP A 197 26.16 8.69 6.02
C ASP A 197 25.18 9.71 5.47
N TYR A 198 25.38 10.99 5.80
CA TYR A 198 24.54 12.07 5.26
C TYR A 198 24.59 12.15 3.71
N SER A 199 25.53 11.44 3.06
CA SER A 199 25.54 11.23 1.59
C SER A 199 24.51 10.23 1.10
N ASN A 200 23.96 9.41 1.98
CA ASN A 200 23.29 8.18 1.56
C ASN A 200 21.79 8.34 1.59
N GLU A 201 21.13 8.28 0.45
CA GLU A 201 19.72 8.66 0.40
C GLU A 201 18.80 7.75 1.26
N GLU A 202 19.09 6.45 1.31
CA GLU A 202 18.33 5.53 2.17
C GLU A 202 18.51 5.84 3.64
N HIS A 203 19.65 6.37 4.02
CA HIS A 203 19.87 6.75 5.43
C HIS A 203 19.05 7.97 5.83
N MET A 204 18.98 8.93 4.92
CA MET A 204 18.24 10.15 5.13
C MET A 204 16.77 9.86 5.10
N THR A 205 16.33 9.06 4.14
CA THR A 205 14.93 8.63 4.13
C THR A 205 14.50 8.02 5.46
N LEU A 206 15.35 7.18 6.04
CA LEU A 206 15.07 6.65 7.38
C LEU A 206 15.04 7.76 8.41
N LEU A 207 16.15 8.48 8.54
CA LEU A 207 16.24 9.64 9.42
C LEU A 207 14.98 10.50 9.36
N LYS A 208 14.51 10.80 8.15
CA LYS A 208 13.33 11.66 7.95
C LYS A 208 12.13 10.98 8.58
N MET A 209 11.89 9.71 8.23
CA MET A 209 10.77 8.93 8.77
C MET A 209 10.77 8.93 10.29
N ILE A 210 11.96 8.89 10.87
CA ILE A 210 12.11 8.97 12.31
C ILE A 210 11.68 10.32 12.81
N LEU A 211 12.23 11.37 12.23
CA LEU A 211 11.89 12.73 12.64
C LEU A 211 10.36 12.96 12.72
N ILE A 212 9.63 12.68 11.64
CA ILE A 212 8.16 12.81 11.68
C ILE A 212 7.57 11.86 12.71
N LYS A 213 8.10 10.65 12.83
CA LYS A 213 7.65 9.73 13.86
C LYS A 213 7.82 10.33 15.26
N CYS A 214 8.99 10.91 15.53
CA CYS A 214 9.24 11.62 16.80
C CYS A 214 8.18 12.66 17.06
N CYS A 215 7.82 13.39 16.01
CA CYS A 215 6.80 14.43 16.11
C CYS A 215 5.40 13.83 16.24
N ASP A 216 5.10 12.83 15.41
CA ASP A 216 3.81 12.17 15.44
C ASP A 216 3.44 11.69 16.84
N ILE A 217 4.40 11.79 17.76
CA ILE A 217 4.18 11.36 19.14
C ILE A 217 5.12 12.06 20.12
N SER A 218 5.30 13.37 19.93
CA SER A 218 6.17 14.14 20.83
C SER A 218 5.50 14.69 22.10
N ASN A 219 4.16 14.73 22.15
CA ASN A 219 3.38 15.22 23.33
C ASN A 219 4.04 15.23 24.69
N GLU A 220 4.43 14.05 25.15
CA GLU A 220 5.11 13.92 26.45
C GLU A 220 6.43 14.70 26.67
N VAL A 221 7.05 15.10 25.55
CA VAL A 221 8.29 15.89 25.55
C VAL A 221 8.02 17.27 26.12
N ARG A 222 6.82 17.77 25.86
CA ARG A 222 6.49 19.10 26.32
C ARG A 222 6.41 19.09 27.84
N PRO A 223 6.30 20.29 28.44
CA PRO A 223 5.95 20.36 29.84
C PRO A 223 4.70 19.53 30.15
N MET A 224 4.62 19.00 31.38
CA MET A 224 3.49 18.13 31.83
C MET A 224 2.18 18.92 31.99
N GLU A 225 2.30 20.22 32.36
CA GLU A 225 1.19 21.21 32.31
C GLU A 225 0.48 21.10 30.96
N VAL A 226 1.32 21.06 29.92
CA VAL A 226 0.94 21.03 28.52
C VAL A 226 0.62 19.60 28.09
N ALA A 227 1.45 18.63 28.50
CA ALA A 227 1.41 17.24 27.97
C ALA A 227 0.25 16.38 28.45
N GLU A 228 0.07 16.36 29.76
CA GLU A 228 -0.92 15.50 30.42
C GLU A 228 -2.33 15.52 29.79
N PRO A 229 -2.90 16.73 29.52
CA PRO A 229 -4.26 16.78 28.97
C PRO A 229 -4.49 15.89 27.76
N TRP A 230 -3.46 15.80 26.91
CA TRP A 230 -3.49 14.95 25.70
C TRP A 230 -3.77 13.51 26.01
N VAL A 231 -3.28 13.07 27.17
CA VAL A 231 -3.42 11.67 27.53
C VAL A 231 -4.89 11.38 27.76
N ASP A 232 -5.55 12.25 28.52
CA ASP A 232 -6.99 12.16 28.72
C ASP A 232 -7.70 12.15 27.35
N CYS A 233 -7.32 13.14 26.53
CA CYS A 233 -7.86 13.26 25.17
C CYS A 233 -7.70 11.95 24.40
N LEU A 234 -6.50 11.37 24.45
CA LEU A 234 -6.23 10.11 23.76
C LEU A 234 -7.10 8.97 24.26
N LEU A 235 -7.13 8.82 25.58
CA LEU A 235 -7.92 7.81 26.25
C LEU A 235 -9.38 7.96 25.90
N GLU A 236 -9.88 9.19 25.98
CA GLU A 236 -11.25 9.47 25.63
C GLU A 236 -11.62 8.94 24.25
N GLU A 237 -10.70 9.13 23.31
CA GLU A 237 -10.84 8.65 21.95
C GLU A 237 -10.72 7.14 21.92
N TYR A 238 -9.73 6.61 22.63
CA TYR A 238 -9.56 5.16 22.73
C TYR A 238 -10.84 4.52 23.26
N PHE A 239 -11.28 4.87 24.48
CA PHE A 239 -12.49 4.24 25.07
C PHE A 239 -13.71 4.38 24.16
N MET A 240 -13.77 5.49 23.43
CA MET A 240 -14.79 5.72 22.41
C MET A 240 -14.76 4.65 21.30
N GLN A 241 -13.56 4.12 21.02
CA GLN A 241 -13.41 2.97 20.10
C GLN A 241 -13.95 1.69 20.74
N SER A 242 -13.32 1.29 21.85
CA SER A 242 -13.59 -0.01 22.46
C SER A 242 -15.06 -0.19 22.78
N ASP A 243 -15.71 0.86 23.31
CA ASP A 243 -17.17 0.84 23.57
C ASP A 243 -18.00 0.45 22.33
N ARG A 244 -17.59 0.97 21.18
CA ARG A 244 -18.19 0.65 19.88
C ARG A 244 -17.84 -0.75 19.34
N GLU A 245 -16.69 -1.25 19.75
CA GLU A 245 -16.25 -2.62 19.41
C GLU A 245 -17.00 -3.63 20.31
N LYS A 246 -16.95 -3.37 21.62
CA LYS A 246 -17.70 -4.15 22.62
C LYS A 246 -19.17 -4.19 22.30
N SER A 247 -19.69 -3.07 21.83
CA SER A 247 -21.01 -3.04 21.23
C SER A 247 -21.12 -4.00 20.05
N GLU A 248 -20.31 -3.78 19.01
CA GLU A 248 -20.48 -4.47 17.73
C GLU A 248 -19.93 -5.90 17.70
N GLY A 249 -19.26 -6.30 18.78
CA GLY A 249 -18.69 -7.63 18.86
C GLY A 249 -17.49 -7.67 17.97
N LEU A 250 -16.50 -6.85 18.32
CA LEU A 250 -15.22 -6.80 17.63
C LEU A 250 -14.09 -6.78 18.67
N PRO A 251 -12.90 -7.31 18.29
CA PRO A 251 -11.74 -7.34 19.19
C PRO A 251 -11.52 -6.04 19.95
N VAL A 252 -10.94 -6.11 21.13
CA VAL A 252 -10.62 -4.91 21.90
C VAL A 252 -9.18 -4.98 22.38
N ALA A 253 -8.37 -3.99 22.00
CA ALA A 253 -7.00 -3.95 22.46
C ALA A 253 -6.95 -3.64 23.97
N PRO A 254 -6.06 -4.34 24.72
CA PRO A 254 -5.81 -4.07 26.15
C PRO A 254 -5.47 -2.63 26.50
N PHE A 255 -4.74 -1.95 25.60
CA PHE A 255 -4.41 -0.52 25.75
C PHE A 255 -5.65 0.40 25.65
N MET A 256 -6.73 -0.08 24.99
CA MET A 256 -8.00 0.64 24.78
C MET A 256 -9.20 0.21 25.66
N ASP A 257 -9.01 -0.70 26.60
CA ASP A 257 -10.11 -1.11 27.49
C ASP A 257 -10.14 -0.27 28.77
N ARG A 258 -11.36 0.07 29.23
CA ARG A 258 -11.57 0.94 30.41
C ARG A 258 -11.10 0.31 31.72
N ASP A 259 -11.34 -0.99 31.83
CA ASP A 259 -11.10 -1.76 33.05
C ASP A 259 -9.60 -1.95 33.29
N LYS A 260 -8.89 -2.39 32.24
CA LYS A 260 -7.47 -2.81 32.31
C LYS A 260 -6.44 -1.69 32.40
N VAL A 261 -6.73 -0.54 31.81
CA VAL A 261 -5.77 0.56 31.72
C VAL A 261 -5.84 1.44 32.96
N THR A 262 -4.74 2.14 33.23
CA THR A 262 -4.80 3.44 33.91
C THR A 262 -3.90 4.39 33.13
N LYS A 263 -4.21 5.68 33.22
CA LYS A 263 -3.34 6.73 32.70
C LYS A 263 -1.88 6.40 33.07
N ALA A 264 -1.61 6.18 34.35
CA ALA A 264 -0.23 6.01 34.83
C ALA A 264 0.50 4.78 34.26
N THR A 265 -0.17 3.63 34.19
CA THR A 265 0.48 2.40 33.69
C THR A 265 0.83 2.51 32.22
N ALA A 266 -0.16 2.87 31.39
CA ALA A 266 0.02 2.94 29.92
C ALA A 266 1.15 3.88 29.49
N GLN A 267 1.23 5.05 30.13
CA GLN A 267 2.26 6.05 29.84
C GLN A 267 3.66 5.65 30.28
N ILE A 268 3.78 5.01 31.44
CA ILE A 268 5.07 4.44 31.85
C ILE A 268 5.55 3.47 30.75
N GLY A 269 4.68 2.55 30.34
CA GLY A 269 4.98 1.61 29.28
C GLY A 269 5.47 2.28 28.02
N PHE A 270 4.69 3.23 27.53
CA PHE A 270 4.99 3.98 26.30
C PHE A 270 6.27 4.82 26.41
N ILE A 271 6.47 5.53 27.52
CA ILE A 271 7.64 6.40 27.65
C ILE A 271 8.94 5.60 27.63
N LYS A 272 8.98 4.50 28.40
CA LYS A 272 10.20 3.68 28.59
C LYS A 272 10.49 2.80 27.39
N PHE A 273 9.45 2.13 26.88
CA PHE A 273 9.62 1.15 25.81
C PHE A 273 9.70 1.78 24.41
N VAL A 274 8.89 2.81 24.12
CA VAL A 274 8.78 3.39 22.74
C VAL A 274 9.57 4.69 22.56
N LEU A 275 9.30 5.67 23.42
CA LEU A 275 9.83 7.04 23.25
C LEU A 275 11.33 7.12 23.50
N ILE A 276 11.77 6.78 24.70
CA ILE A 276 13.17 7.00 25.06
C ILE A 276 14.18 6.21 24.20
N PRO A 277 13.79 5.04 23.66
CA PRO A 277 14.66 4.41 22.66
C PRO A 277 14.80 5.22 21.38
N MET A 278 13.66 5.69 20.86
CA MET A 278 13.62 6.48 19.64
C MET A 278 14.38 7.79 19.83
N PHE A 279 14.08 8.52 20.88
CA PHE A 279 14.81 9.77 21.14
C PHE A 279 16.28 9.53 21.58
N GLU A 280 16.64 8.32 22.00
CA GLU A 280 18.05 7.96 22.26
C GLU A 280 18.85 7.81 20.97
N THR A 281 18.36 6.98 20.05
CA THR A 281 19.06 6.78 18.78
C THR A 281 19.22 8.11 18.04
N VAL A 282 18.20 8.97 18.07
CA VAL A 282 18.27 10.30 17.46
C VAL A 282 19.22 11.26 18.19
N THR A 283 19.46 11.02 19.47
CA THR A 283 20.41 11.81 20.24
C THR A 283 21.86 11.57 19.79
N LYS A 284 22.11 10.38 19.23
CA LYS A 284 23.43 10.06 18.70
C LYS A 284 23.82 11.04 17.61
N LEU A 285 22.93 11.28 16.65
CA LEU A 285 23.20 12.21 15.55
C LEU A 285 23.17 13.66 16.00
N PHE A 286 22.30 13.96 16.96
CA PHE A 286 22.09 15.31 17.44
C PHE A 286 22.17 15.30 18.97
N PRO A 287 23.35 15.63 19.55
CA PRO A 287 23.50 15.61 21.00
C PRO A 287 22.61 16.60 21.76
N MET A 288 22.42 17.79 21.20
CA MET A 288 21.53 18.83 21.76
C MET A 288 20.09 18.39 22.09
N VAL A 289 19.66 17.25 21.55
CA VAL A 289 18.37 16.63 21.88
C VAL A 289 18.31 15.99 23.29
N GLU A 290 19.42 15.46 23.82
CA GLU A 290 19.37 14.85 25.17
C GLU A 290 18.74 15.85 26.11
N GLU A 291 19.40 17.02 26.19
CA GLU A 291 19.01 18.08 27.09
C GLU A 291 17.54 18.51 26.91
N ILE A 292 17.15 18.82 25.68
CA ILE A 292 15.86 19.47 25.40
C ILE A 292 14.69 18.52 25.28
N MET A 293 14.93 17.27 24.90
CA MET A 293 13.82 16.34 24.67
C MET A 293 13.86 15.09 25.54
N LEU A 294 15.04 14.50 25.74
CA LEU A 294 15.10 13.38 26.66
C LEU A 294 14.78 13.86 28.08
N GLN A 295 15.31 14.99 28.51
CA GLN A 295 15.15 15.42 29.91
C GLN A 295 13.68 15.45 30.37
N PRO A 296 12.80 16.19 29.66
CA PRO A 296 11.38 16.18 30.08
C PRO A 296 10.56 14.95 29.67
N LEU A 297 11.21 13.97 29.02
CA LEU A 297 10.68 12.60 28.88
C LEU A 297 11.04 11.78 30.10
N TRP A 298 12.25 11.99 30.62
CA TRP A 298 12.71 11.36 31.87
C TRP A 298 11.84 11.84 33.04
N GLU A 299 11.72 13.16 33.15
CA GLU A 299 10.87 13.76 34.15
C GLU A 299 9.45 13.21 34.08
N SER A 300 8.83 13.32 32.91
CA SER A 300 7.45 12.87 32.71
C SER A 300 7.25 11.41 33.18
N ARG A 301 8.26 10.55 32.97
CA ARG A 301 8.21 9.15 33.46
C ARG A 301 8.32 9.07 34.99
N ASP A 302 9.24 9.86 35.55
CA ASP A 302 9.41 9.96 37.01
C ASP A 302 8.11 10.40 37.71
N ARG A 303 7.40 11.36 37.11
CA ARG A 303 6.08 11.75 37.61
C ARG A 303 5.08 10.59 37.53
N TYR A 304 4.93 9.98 36.37
CA TYR A 304 3.91 8.93 36.20
C TYR A 304 4.08 7.75 37.17
N GLU A 305 5.31 7.43 37.56
CA GLU A 305 5.56 6.35 38.54
C GLU A 305 5.14 6.72 39.97
N GLU A 306 5.34 7.98 40.38
CA GLU A 306 4.78 8.47 41.66
C GLU A 306 3.27 8.52 41.62
N LEU A 307 2.73 8.90 40.45
CA LEU A 307 1.31 8.78 40.18
C LEU A 307 0.80 7.29 40.09
N LYS A 308 1.70 6.32 39.90
CA LYS A 308 1.32 4.88 39.86
C LYS A 308 0.95 4.26 41.21
N ARG A 309 1.73 4.54 42.25
CA ARG A 309 1.41 4.06 43.62
C ARG A 309 0.19 4.77 44.20
N ILE A 310 -0.08 5.97 43.71
CA ILE A 310 -1.34 6.68 44.01
C ILE A 310 -2.55 6.05 43.29
N ASP A 311 -2.37 5.51 42.07
CA ASP A 311 -3.42 4.70 41.39
C ASP A 311 -3.59 3.29 42.01
N ASP A 312 -2.58 2.81 42.75
CA ASP A 312 -2.56 1.47 43.36
C ASP A 312 -3.11 1.40 44.81
N ALA A 313 -2.90 2.47 45.59
CA ALA A 313 -3.44 2.54 46.96
C ALA A 313 -4.96 2.70 46.96
N MET A 314 -5.48 3.58 46.09
CA MET A 314 -6.92 3.86 45.97
C MET A 314 -7.71 2.57 45.69
N LYS A 315 -7.53 2.01 44.48
CA LYS A 315 -8.20 0.76 44.07
C LYS A 315 -7.34 -0.44 44.41
N LEU B 1 -24.23 -26.60 -20.86
CA LEU B 1 -23.77 -27.81 -20.08
C LEU B 1 -22.47 -28.43 -20.67
N LEU B 2 -21.54 -28.79 -19.77
CA LEU B 2 -20.15 -29.22 -20.11
C LEU B 2 -20.04 -30.68 -20.58
N SER B 3 -19.67 -30.90 -21.84
CA SER B 3 -19.39 -32.26 -22.35
C SER B 3 -18.03 -32.75 -21.76
N PRO B 4 -17.93 -34.04 -21.34
CA PRO B 4 -16.64 -34.52 -20.76
C PRO B 4 -15.40 -34.66 -21.68
N GLU B 5 -15.40 -34.02 -22.85
CA GLU B 5 -14.16 -33.73 -23.61
C GLU B 5 -13.60 -32.39 -23.12
N THR B 6 -14.51 -31.44 -22.94
CA THR B 6 -14.25 -30.18 -22.27
C THR B 6 -13.72 -30.40 -20.85
N ILE B 7 -14.46 -31.18 -20.03
CA ILE B 7 -14.06 -31.50 -18.62
C ILE B 7 -12.67 -32.18 -18.52
N GLU B 8 -12.26 -32.86 -19.60
CA GLU B 8 -10.89 -33.37 -19.75
C GLU B 8 -9.92 -32.26 -20.20
N ALA B 9 -10.32 -31.47 -21.20
CA ALA B 9 -9.46 -30.42 -21.81
C ALA B 9 -9.07 -29.24 -20.90
N LEU B 10 -9.91 -28.94 -19.91
CA LEU B 10 -9.72 -27.83 -18.96
C LEU B 10 -8.52 -28.00 -18.00
N ARG B 11 -8.24 -29.25 -17.59
CA ARG B 11 -7.21 -29.57 -16.57
C ARG B 11 -5.76 -29.44 -17.06
N LYS B 12 -5.61 -29.36 -18.39
CA LYS B 12 -4.31 -29.19 -19.05
C LYS B 12 -4.25 -27.82 -19.76
N PRO B 13 -3.02 -27.24 -19.86
CA PRO B 13 -2.83 -25.87 -20.39
C PRO B 13 -3.09 -25.61 -21.90
N THR B 14 -3.22 -26.66 -22.70
CA THR B 14 -3.54 -26.47 -24.12
C THR B 14 -4.87 -25.75 -24.29
N PHE B 15 -5.86 -26.20 -23.48
CA PHE B 15 -7.26 -25.76 -23.53
C PHE B 15 -7.46 -24.47 -24.33
N ASP B 16 -8.22 -24.55 -25.43
CA ASP B 16 -8.53 -23.36 -26.20
C ASP B 16 -9.60 -22.53 -25.50
N VAL B 17 -9.30 -21.24 -25.43
CA VAL B 17 -9.97 -20.23 -24.60
C VAL B 17 -10.80 -19.19 -25.40
N TRP B 18 -10.63 -19.11 -26.73
CA TRP B 18 -11.42 -18.20 -27.59
C TRP B 18 -12.81 -18.71 -27.99
N LEU B 19 -13.05 -20.01 -27.80
CA LEU B 19 -14.30 -20.65 -28.23
C LEU B 19 -15.50 -20.18 -27.41
N TRP B 20 -15.34 -20.24 -26.10
CA TRP B 20 -16.47 -20.25 -25.16
C TRP B 20 -16.96 -18.83 -24.90
N GLU B 21 -18.29 -18.66 -24.92
CA GLU B 21 -18.92 -17.39 -24.57
C GLU B 21 -18.79 -17.15 -23.06
N PRO B 22 -19.17 -15.93 -22.59
CA PRO B 22 -19.03 -15.66 -21.16
C PRO B 22 -19.76 -16.66 -20.23
N ASN B 23 -21.08 -16.78 -20.35
CA ASN B 23 -21.90 -17.68 -19.51
C ASN B 23 -21.40 -19.13 -19.41
N GLU B 24 -20.67 -19.55 -20.44
CA GLU B 24 -20.07 -20.88 -20.55
C GLU B 24 -18.76 -20.97 -19.73
N MET B 25 -17.92 -19.93 -19.84
CA MET B 25 -16.71 -19.82 -19.00
C MET B 25 -17.01 -19.72 -17.50
N LEU B 26 -18.15 -19.13 -17.13
CA LEU B 26 -18.62 -19.14 -15.73
C LEU B 26 -18.78 -20.57 -15.22
N SER B 27 -19.37 -21.41 -16.08
CA SER B 27 -19.61 -22.84 -15.80
C SER B 27 -18.30 -23.58 -15.51
N CYS B 28 -17.26 -23.26 -16.30
CA CYS B 28 -15.93 -23.83 -16.08
C CYS B 28 -15.38 -23.48 -14.69
N LEU B 29 -15.44 -22.19 -14.34
CA LEU B 29 -15.02 -21.70 -13.00
C LEU B 29 -15.89 -22.21 -11.83
N GLU B 30 -17.13 -22.58 -12.13
CA GLU B 30 -17.98 -23.28 -11.17
C GLU B 30 -17.44 -24.69 -11.00
N HIS B 31 -17.29 -25.40 -12.12
CA HIS B 31 -16.72 -26.75 -12.14
C HIS B 31 -15.46 -26.86 -11.29
N MET B 32 -14.58 -25.87 -11.39
CA MET B 32 -13.27 -25.90 -10.72
C MET B 32 -13.30 -25.84 -9.18
N TYR B 33 -14.24 -25.06 -8.60
CA TYR B 33 -14.41 -24.96 -7.12
C TYR B 33 -15.16 -26.14 -6.49
N HIS B 34 -15.98 -26.82 -7.29
CA HIS B 34 -16.50 -28.14 -6.96
C HIS B 34 -15.39 -29.18 -7.10
N ASP B 35 -14.81 -29.28 -8.30
CA ASP B 35 -13.79 -30.29 -8.64
C ASP B 35 -12.52 -30.30 -7.76
N LEU B 36 -12.02 -29.11 -7.40
CA LEU B 36 -10.86 -28.98 -6.49
C LEU B 36 -11.22 -29.10 -5.00
N GLY B 37 -12.50 -29.32 -4.69
CA GLY B 37 -12.94 -29.69 -3.35
C GLY B 37 -13.54 -28.55 -2.56
N LEU B 38 -13.37 -27.32 -3.05
CA LEU B 38 -13.57 -26.11 -2.25
C LEU B 38 -15.05 -25.85 -1.96
N VAL B 39 -15.94 -26.35 -2.83
CA VAL B 39 -17.37 -26.27 -2.57
C VAL B 39 -17.73 -27.23 -1.46
N ARG B 40 -17.33 -28.50 -1.63
CA ARG B 40 -17.48 -29.52 -0.59
C ARG B 40 -16.81 -29.09 0.71
N ASP B 41 -15.58 -28.56 0.61
CA ASP B 41 -14.80 -28.20 1.79
C ASP B 41 -15.36 -26.97 2.49
N PHE B 42 -15.22 -25.81 1.87
CA PHE B 42 -15.47 -24.53 2.54
C PHE B 42 -16.97 -24.20 2.79
N SER B 43 -17.86 -25.20 2.58
CA SER B 43 -19.32 -25.05 2.70
C SER B 43 -19.82 -23.93 1.79
N ILE B 44 -19.30 -23.90 0.56
CA ILE B 44 -19.59 -22.82 -0.35
C ILE B 44 -20.95 -23.09 -0.93
N ASN B 45 -21.77 -22.06 -0.97
CA ASN B 45 -23.12 -22.16 -1.51
C ASN B 45 -23.06 -22.40 -3.04
N PRO B 46 -23.93 -23.29 -3.58
CA PRO B 46 -23.99 -23.48 -5.04
C PRO B 46 -24.76 -22.42 -5.87
N VAL B 47 -25.30 -21.38 -5.23
CA VAL B 47 -25.92 -20.26 -5.97
C VAL B 47 -25.17 -18.93 -5.74
N THR B 48 -24.70 -18.72 -4.51
CA THR B 48 -23.69 -17.67 -4.18
C THR B 48 -22.39 -17.83 -4.99
N LEU B 49 -22.09 -19.05 -5.44
CA LEU B 49 -21.00 -19.33 -6.36
C LEU B 49 -21.31 -19.01 -7.84
N ARG B 50 -22.58 -19.03 -8.24
CA ARG B 50 -22.99 -18.59 -9.58
C ARG B 50 -23.39 -17.14 -9.66
N ARG B 51 -23.74 -16.56 -8.52
CA ARG B 51 -23.97 -15.12 -8.42
C ARG B 51 -22.64 -14.36 -8.34
N TRP B 52 -21.78 -14.74 -7.40
CA TRP B 52 -20.43 -14.17 -7.25
C TRP B 52 -19.63 -14.18 -8.55
N LEU B 53 -19.82 -15.20 -9.37
CA LEU B 53 -19.16 -15.29 -10.68
C LEU B 53 -19.86 -14.44 -11.75
N PHE B 54 -21.19 -14.34 -11.73
CA PHE B 54 -21.88 -13.46 -12.69
C PHE B 54 -21.69 -11.97 -12.34
N CYS B 55 -21.66 -11.73 -11.04
CA CYS B 55 -21.25 -10.45 -10.49
C CYS B 55 -19.84 -10.12 -11.00
N VAL B 56 -18.83 -10.94 -10.64
CA VAL B 56 -17.41 -10.76 -11.07
C VAL B 56 -17.27 -10.63 -12.60
N HIS B 57 -18.21 -11.15 -13.39
CA HIS B 57 -18.23 -10.83 -14.82
C HIS B 57 -18.61 -9.36 -15.07
N ASP B 58 -19.66 -8.89 -14.42
CA ASP B 58 -20.13 -7.51 -14.61
C ASP B 58 -19.04 -6.43 -14.31
N ASN B 59 -18.15 -6.72 -13.34
CA ASN B 59 -17.05 -5.82 -12.93
C ASN B 59 -15.65 -6.17 -13.52
N TYR B 60 -15.63 -6.69 -14.76
CA TYR B 60 -14.51 -6.48 -15.67
C TYR B 60 -15.06 -5.50 -16.70
N ARG B 61 -14.17 -4.97 -17.51
CA ARG B 61 -14.54 -4.00 -18.52
C ARG B 61 -14.33 -4.61 -19.90
N ASN B 62 -14.83 -3.92 -20.93
CA ASN B 62 -14.66 -4.36 -22.33
C ASN B 62 -13.32 -3.89 -22.94
N ASN B 63 -12.21 -4.34 -22.30
CA ASN B 63 -10.83 -3.96 -22.67
C ASN B 63 -10.26 -4.86 -23.74
N PRO B 64 -9.61 -4.27 -24.75
CA PRO B 64 -8.86 -5.06 -25.70
C PRO B 64 -7.96 -6.18 -25.14
N PHE B 65 -7.44 -6.08 -23.92
CA PHE B 65 -6.68 -7.20 -23.31
C PHE B 65 -7.25 -7.55 -21.93
N HIS B 66 -7.11 -6.62 -20.98
CA HIS B 66 -7.43 -6.91 -19.58
C HIS B 66 -8.97 -7.00 -19.36
N ASN B 67 -9.57 -8.10 -19.85
CA ASN B 67 -11.04 -8.35 -19.82
C ASN B 67 -11.36 -9.64 -19.05
N PHE B 68 -12.64 -9.97 -18.90
CA PHE B 68 -13.02 -11.22 -18.21
C PHE B 68 -12.28 -12.45 -18.75
N ARG B 69 -12.08 -12.50 -20.06
CA ARG B 69 -11.40 -13.62 -20.70
C ARG B 69 -9.99 -13.84 -20.17
N HIS B 70 -9.25 -12.72 -20.00
CA HIS B 70 -7.92 -12.67 -19.31
C HIS B 70 -8.01 -13.29 -17.90
N CYS B 71 -9.08 -12.95 -17.17
CA CYS B 71 -9.38 -13.56 -15.86
C CYS B 71 -9.59 -15.06 -15.96
N PHE B 72 -10.28 -15.52 -17.01
CA PHE B 72 -10.48 -16.96 -17.20
C PHE B 72 -9.18 -17.70 -17.53
N CYS B 73 -8.42 -17.16 -18.48
CA CYS B 73 -7.14 -17.75 -18.89
C CYS B 73 -6.26 -18.05 -17.71
N VAL B 74 -6.15 -17.05 -16.84
CA VAL B 74 -5.21 -17.04 -15.72
C VAL B 74 -5.63 -18.07 -14.63
N ALA B 75 -6.92 -18.13 -14.32
CA ALA B 75 -7.46 -19.11 -13.35
C ALA B 75 -7.47 -20.52 -13.92
N GLN B 76 -7.87 -20.64 -15.19
CA GLN B 76 -7.83 -21.92 -15.91
C GLN B 76 -6.42 -22.45 -16.06
N MET B 77 -5.47 -21.55 -16.25
CA MET B 77 -4.04 -21.87 -16.20
C MET B 77 -3.62 -22.26 -14.79
N MET B 78 -4.10 -21.49 -13.81
CA MET B 78 -3.92 -21.77 -12.39
C MET B 78 -4.49 -23.16 -11.97
N TYR B 79 -5.61 -23.56 -12.58
CA TYR B 79 -6.18 -24.93 -12.45
C TYR B 79 -5.22 -25.97 -13.02
N SER B 80 -4.70 -25.69 -14.22
CA SER B 80 -3.81 -26.58 -14.96
C SER B 80 -2.56 -26.98 -14.20
N MET B 81 -2.04 -26.06 -13.39
CA MET B 81 -0.82 -26.28 -12.59
C MET B 81 -1.06 -26.82 -11.16
N VAL B 82 -2.31 -27.04 -10.76
CA VAL B 82 -2.63 -27.84 -9.56
C VAL B 82 -2.50 -29.33 -9.84
N TRP B 83 -2.98 -29.75 -11.01
CA TRP B 83 -2.88 -31.15 -11.40
C TRP B 83 -1.50 -31.37 -11.89
N LEU B 84 -1.09 -30.59 -12.89
CA LEU B 84 0.24 -30.75 -13.44
C LEU B 84 1.25 -30.99 -12.32
N CYS B 85 1.38 -30.05 -11.39
CA CYS B 85 2.41 -30.13 -10.34
C CYS B 85 2.04 -31.00 -9.11
N SER B 86 0.75 -31.35 -9.00
CA SER B 86 0.15 -32.06 -7.84
C SER B 86 0.28 -31.27 -6.53
N LEU B 87 -0.27 -30.06 -6.56
CA LEU B 87 -0.12 -29.09 -5.48
C LEU B 87 -1.06 -29.33 -4.32
N GLN B 88 -1.92 -30.34 -4.44
CA GLN B 88 -2.83 -30.67 -3.34
C GLN B 88 -2.18 -31.57 -2.30
N GLU B 89 -0.97 -32.06 -2.56
CA GLU B 89 -0.10 -32.66 -1.53
C GLU B 89 0.72 -31.60 -0.75
N LYS B 90 1.31 -30.67 -1.47
CA LYS B 90 2.22 -29.66 -0.89
C LYS B 90 1.45 -28.57 -0.13
N PHE B 91 0.44 -28.00 -0.80
CA PHE B 91 -0.33 -26.85 -0.30
C PHE B 91 -1.66 -27.25 0.32
N SER B 92 -2.07 -26.49 1.34
CA SER B 92 -3.38 -26.63 1.98
C SER B 92 -4.51 -26.12 1.06
N GLN B 93 -5.73 -26.61 1.26
CA GLN B 93 -6.90 -26.14 0.48
C GLN B 93 -7.24 -24.66 0.69
N THR B 94 -6.82 -24.09 1.84
CA THR B 94 -6.78 -22.64 2.05
C THR B 94 -5.91 -22.05 0.96
N ASP B 95 -4.65 -22.47 0.92
CA ASP B 95 -3.69 -22.03 -0.12
C ASP B 95 -4.25 -22.34 -1.51
N ILE B 96 -4.93 -23.48 -1.66
CA ILE B 96 -5.62 -23.81 -2.91
C ILE B 96 -6.77 -22.82 -3.18
N LEU B 97 -7.55 -22.48 -2.15
CA LEU B 97 -8.67 -21.57 -2.31
C LEU B 97 -8.23 -20.14 -2.68
N ILE B 98 -7.25 -19.61 -1.94
CA ILE B 98 -6.68 -18.27 -2.18
C ILE B 98 -6.25 -18.15 -3.65
N LEU B 99 -5.33 -19.03 -4.05
CA LEU B 99 -4.72 -19.05 -5.40
C LEU B 99 -5.76 -19.07 -6.56
N MET B 100 -6.76 -19.93 -6.43
CA MET B 100 -7.87 -19.93 -7.36
C MET B 100 -8.60 -18.60 -7.39
N THR B 101 -8.97 -18.14 -6.20
CA THR B 101 -9.83 -16.96 -6.05
C THR B 101 -9.13 -15.66 -6.41
N ALA B 102 -7.84 -15.56 -6.06
CA ALA B 102 -7.00 -14.44 -6.51
C ALA B 102 -7.03 -14.37 -8.03
N ALA B 103 -6.62 -15.45 -8.68
CA ALA B 103 -6.63 -15.56 -10.14
C ALA B 103 -7.89 -14.98 -10.80
N ILE B 104 -9.03 -15.23 -10.18
CA ILE B 104 -10.32 -14.82 -10.72
C ILE B 104 -10.55 -13.28 -10.59
N CYS B 105 -10.02 -12.70 -9.52
CA CYS B 105 -10.22 -11.28 -9.23
C CYS B 105 -9.02 -10.37 -9.61
N HIS B 106 -7.94 -10.94 -10.14
CA HIS B 106 -6.61 -10.29 -10.13
C HIS B 106 -6.45 -8.99 -10.95
N ASP B 107 -7.15 -8.86 -12.07
CA ASP B 107 -7.08 -7.65 -12.89
C ASP B 107 -8.50 -7.02 -12.98
N LEU B 108 -9.24 -7.07 -11.87
CA LEU B 108 -10.65 -6.56 -11.77
C LEU B 108 -10.81 -5.06 -12.11
N ASP B 109 -11.78 -4.73 -12.97
CA ASP B 109 -12.13 -3.34 -13.35
C ASP B 109 -10.99 -2.57 -14.02
N HIS B 110 -10.04 -3.30 -14.62
CA HIS B 110 -8.87 -2.69 -15.26
C HIS B 110 -9.40 -1.71 -16.31
N PRO B 111 -8.90 -0.46 -16.33
CA PRO B 111 -9.37 0.55 -17.27
C PRO B 111 -8.61 0.54 -18.61
N GLY B 112 -7.51 -0.19 -18.67
CA GLY B 112 -6.70 -0.35 -19.88
C GLY B 112 -5.64 0.72 -20.08
N TYR B 113 -5.05 1.14 -18.96
CA TYR B 113 -3.96 2.12 -18.91
C TYR B 113 -3.17 1.83 -17.62
N ASN B 114 -1.88 1.54 -17.76
CA ASN B 114 -1.10 0.96 -16.67
C ASN B 114 -0.72 1.95 -15.58
N ASN B 115 -0.12 1.42 -14.52
CA ASN B 115 0.40 2.21 -13.40
C ASN B 115 1.09 3.51 -13.85
N THR B 116 1.98 3.38 -14.83
CA THR B 116 2.73 4.50 -15.41
C THR B 116 1.87 5.61 -16.05
N TYR B 117 0.64 5.31 -16.45
CA TYR B 117 -0.25 6.36 -16.91
C TYR B 117 -0.98 7.00 -15.77
N GLN B 118 -1.67 6.18 -14.98
CA GLN B 118 -2.42 6.70 -13.83
C GLN B 118 -1.54 7.71 -13.10
N ILE B 119 -0.33 7.30 -12.73
CA ILE B 119 0.63 8.14 -12.00
C ILE B 119 1.01 9.41 -12.72
N ASN B 120 1.55 9.30 -13.92
CA ASN B 120 1.97 10.47 -14.70
C ASN B 120 0.83 11.38 -15.07
N ALA B 121 -0.38 10.87 -15.16
CA ALA B 121 -1.54 11.76 -15.39
C ALA B 121 -2.18 12.25 -14.09
N ARG B 122 -1.61 11.87 -12.95
CA ARG B 122 -2.15 12.20 -11.64
C ARG B 122 -3.67 11.99 -11.59
N THR B 123 -4.08 10.78 -11.96
CA THR B 123 -5.50 10.37 -12.02
C THR B 123 -6.04 10.12 -10.63
N GLU B 124 -7.36 10.28 -10.48
CA GLU B 124 -8.01 10.07 -9.19
C GLU B 124 -7.45 8.84 -8.48
N LEU B 125 -7.33 7.76 -9.24
CA LEU B 125 -6.80 6.49 -8.73
C LEU B 125 -5.39 6.60 -8.15
N ALA B 126 -4.50 7.24 -8.91
CA ALA B 126 -3.09 7.38 -8.51
C ALA B 126 -2.95 8.20 -7.26
N VAL B 127 -3.73 9.29 -7.19
CA VAL B 127 -3.86 10.21 -6.03
C VAL B 127 -4.25 9.43 -4.77
N ARG B 128 -5.27 8.58 -4.95
CA ARG B 128 -5.84 7.74 -3.89
C ARG B 128 -4.87 6.69 -3.41
N TYR B 129 -4.21 6.00 -4.32
CA TYR B 129 -3.24 4.94 -3.93
C TYR B 129 -1.82 5.45 -3.79
N ASN B 130 -1.63 6.75 -4.03
CA ASN B 130 -0.39 7.45 -3.71
C ASN B 130 0.78 6.92 -4.54
N ASP B 131 0.47 6.62 -5.79
CA ASP B 131 1.41 6.02 -6.74
C ASP B 131 1.86 4.55 -6.43
N ILE B 132 1.36 3.94 -5.36
CA ILE B 132 1.78 2.60 -4.95
C ILE B 132 0.83 1.59 -5.59
N SER B 133 1.34 0.79 -6.52
CA SER B 133 0.53 -0.15 -7.32
C SER B 133 -0.94 0.31 -7.43
N PRO B 134 -1.20 1.40 -8.14
CA PRO B 134 -2.56 1.93 -8.17
C PRO B 134 -3.63 0.97 -8.64
N LEU B 135 -3.34 0.19 -9.67
CA LEU B 135 -4.34 -0.72 -10.23
C LEU B 135 -4.48 -2.01 -9.41
N GLU B 136 -3.35 -2.61 -9.08
CA GLU B 136 -3.35 -3.86 -8.32
C GLU B 136 -3.96 -3.73 -6.92
N ASN B 137 -3.98 -2.50 -6.38
CA ASN B 137 -4.75 -2.14 -5.15
C ASN B 137 -6.23 -1.95 -5.44
N HIS B 138 -6.54 -1.32 -6.59
CA HIS B 138 -7.91 -1.14 -7.03
C HIS B 138 -8.63 -2.45 -7.38
N HIS B 139 -7.89 -3.40 -7.94
CA HIS B 139 -8.44 -4.69 -8.29
C HIS B 139 -8.81 -5.39 -6.99
N CYS B 140 -7.81 -5.64 -6.13
CA CYS B 140 -8.00 -6.15 -4.77
C CYS B 140 -9.14 -5.47 -4.00
N ALA B 141 -9.25 -4.15 -4.14
CA ALA B 141 -10.33 -3.39 -3.49
C ALA B 141 -11.71 -3.74 -4.04
N VAL B 142 -11.87 -3.76 -5.36
CA VAL B 142 -13.16 -4.14 -5.97
C VAL B 142 -13.58 -5.56 -5.62
N ALA B 143 -12.58 -6.46 -5.56
CA ALA B 143 -12.80 -7.84 -5.17
C ALA B 143 -13.57 -7.92 -3.89
N PHE B 144 -12.94 -7.52 -2.78
CA PHE B 144 -13.51 -7.69 -1.45
C PHE B 144 -14.79 -6.81 -1.19
N GLN B 145 -15.16 -5.94 -2.15
CA GLN B 145 -16.47 -5.22 -2.17
C GLN B 145 -17.64 -6.08 -2.64
N ILE B 146 -17.37 -6.94 -3.60
CA ILE B 146 -18.32 -7.94 -4.02
C ILE B 146 -18.56 -8.94 -2.87
N LEU B 147 -17.47 -9.46 -2.31
CA LEU B 147 -17.47 -10.42 -1.18
C LEU B 147 -17.79 -9.83 0.21
N ALA B 148 -18.11 -8.55 0.25
CA ALA B 148 -18.80 -7.96 1.38
C ALA B 148 -20.32 -7.91 1.13
N GLU B 149 -20.77 -7.92 -0.13
CA GLU B 149 -22.20 -8.11 -0.43
C GLU B 149 -22.63 -9.51 0.03
N PRO B 150 -23.75 -9.63 0.77
CA PRO B 150 -24.16 -10.92 1.38
C PRO B 150 -24.75 -11.93 0.40
N GLU B 151 -25.38 -11.45 -0.67
CA GLU B 151 -25.84 -12.30 -1.79
C GLU B 151 -24.74 -12.67 -2.81
N CYS B 152 -23.50 -12.26 -2.59
CA CYS B 152 -22.36 -12.81 -3.33
C CYS B 152 -21.26 -13.41 -2.44
N ASN B 153 -21.36 -13.26 -1.12
CA ASN B 153 -20.33 -13.71 -0.17
C ASN B 153 -20.23 -15.25 -0.14
N ILE B 154 -19.40 -15.77 -1.02
CA ILE B 154 -19.11 -17.19 -1.09
C ILE B 154 -18.47 -17.68 0.21
N PHE B 155 -17.69 -16.82 0.85
CA PHE B 155 -17.08 -17.15 2.12
C PHE B 155 -18.06 -17.00 3.30
N SER B 156 -19.32 -16.62 3.05
CA SER B 156 -20.33 -16.40 4.09
C SER B 156 -20.15 -17.36 5.26
N ASN B 157 -20.04 -18.63 4.93
CA ASN B 157 -20.01 -19.69 5.92
C ASN B 157 -18.63 -19.91 6.51
N ILE B 158 -17.66 -19.13 6.04
CA ILE B 158 -16.30 -19.24 6.49
C ILE B 158 -16.16 -18.33 7.70
N PRO B 159 -15.37 -18.79 8.69
CA PRO B 159 -14.96 -17.95 9.80
C PRO B 159 -14.14 -16.74 9.36
N PRO B 160 -14.31 -15.60 10.02
CA PRO B 160 -13.36 -14.54 9.96
C PRO B 160 -11.91 -14.95 10.13
N ASP B 161 -11.61 -15.94 10.96
CA ASP B 161 -10.23 -16.37 11.08
C ASP B 161 -9.75 -17.07 9.81
N GLY B 162 -10.66 -17.79 9.15
CA GLY B 162 -10.40 -18.40 7.85
C GLY B 162 -10.39 -17.37 6.74
N PHE B 163 -11.45 -16.55 6.74
CA PHE B 163 -11.58 -15.36 5.89
C PHE B 163 -10.40 -14.37 6.02
N LYS B 164 -9.91 -14.16 7.24
CA LYS B 164 -8.74 -13.32 7.52
C LYS B 164 -7.44 -13.91 7.00
N GLN B 165 -7.34 -15.25 6.95
CA GLN B 165 -6.24 -15.92 6.22
C GLN B 165 -6.45 -15.93 4.69
N ILE B 166 -7.71 -15.97 4.26
CA ILE B 166 -8.07 -15.80 2.84
C ILE B 166 -7.95 -14.35 2.40
N ARG B 167 -8.13 -13.42 3.35
CA ARG B 167 -7.89 -12.00 3.08
C ARG B 167 -6.39 -11.72 2.85
N GLN B 168 -5.60 -11.66 3.93
CA GLN B 168 -4.14 -11.35 3.85
C GLN B 168 -3.32 -12.35 3.04
N GLY B 169 -4.01 -13.31 2.40
CA GLY B 169 -3.45 -14.10 1.30
C GLY B 169 -3.82 -13.58 -0.07
N MET B 170 -5.11 -13.42 -0.37
CA MET B 170 -5.56 -13.01 -1.72
C MET B 170 -5.01 -11.66 -2.06
N ILE B 171 -4.93 -10.83 -1.01
CA ILE B 171 -4.19 -9.56 -1.05
C ILE B 171 -2.78 -9.84 -1.54
N THR B 172 -1.91 -10.36 -0.69
CA THR B 172 -0.51 -10.59 -1.09
C THR B 172 -0.43 -10.97 -2.57
N LEU B 173 -1.30 -11.86 -3.03
CA LEU B 173 -1.25 -12.38 -4.41
C LEU B 173 -1.58 -11.40 -5.52
N ILE B 174 -2.59 -10.57 -5.33
CA ILE B 174 -3.01 -9.68 -6.42
C ILE B 174 -2.04 -8.47 -6.56
N LEU B 175 -1.42 -8.09 -5.45
CA LEU B 175 -0.38 -7.05 -5.46
C LEU B 175 0.95 -7.53 -6.03
N ALA B 176 1.10 -8.85 -6.22
CA ALA B 176 2.24 -9.41 -6.96
C ALA B 176 2.10 -9.33 -8.51
N THR B 177 0.89 -9.13 -9.03
CA THR B 177 0.70 -9.01 -10.51
C THR B 177 1.07 -7.63 -11.10
N ASP B 178 1.63 -6.72 -10.28
CA ASP B 178 2.24 -5.49 -10.78
C ASP B 178 3.61 -5.91 -11.29
N MET B 179 3.75 -6.03 -12.61
CA MET B 179 5.03 -6.44 -13.22
C MET B 179 6.18 -5.53 -12.79
N ALA B 180 5.86 -4.27 -12.46
CA ALA B 180 6.81 -3.36 -11.80
C ALA B 180 7.52 -3.95 -10.55
N ARG B 181 6.87 -4.87 -9.84
CA ARG B 181 7.51 -5.62 -8.76
C ARG B 181 8.20 -6.92 -9.24
N HIS B 182 8.21 -7.20 -10.54
CA HIS B 182 8.68 -8.49 -11.05
C HIS B 182 10.07 -8.78 -10.55
N ALA B 183 11.01 -7.92 -10.94
CA ALA B 183 12.42 -8.09 -10.58
C ALA B 183 12.56 -8.49 -9.10
N GLU B 184 12.03 -7.63 -8.23
CA GLU B 184 12.03 -7.80 -6.77
C GLU B 184 11.57 -9.18 -6.29
N ILE B 185 10.50 -9.70 -6.91
CA ILE B 185 9.91 -10.99 -6.51
C ILE B 185 10.81 -12.18 -6.87
N MET B 186 11.27 -12.17 -8.11
CA MET B 186 12.13 -13.22 -8.64
C MET B 186 13.32 -13.49 -7.76
N ASP B 187 14.01 -12.41 -7.40
CA ASP B 187 15.28 -12.51 -6.69
C ASP B 187 15.06 -13.02 -5.26
N SER B 188 14.00 -12.53 -4.60
CA SER B 188 13.59 -13.06 -3.28
C SER B 188 13.13 -14.51 -3.36
N PHE B 189 12.64 -14.93 -4.54
CA PHE B 189 12.26 -16.31 -4.80
C PHE B 189 13.44 -17.28 -4.96
N LYS B 190 14.46 -16.86 -5.71
CA LYS B 190 15.69 -17.64 -5.81
C LYS B 190 16.54 -17.62 -4.52
N GLU B 191 16.34 -16.60 -3.68
CA GLU B 191 16.93 -16.53 -2.33
C GLU B 191 16.54 -17.73 -1.47
N LYS B 192 15.29 -18.17 -1.61
CA LYS B 192 14.76 -19.33 -0.92
C LYS B 192 15.08 -20.62 -1.71
N MET B 193 15.21 -20.49 -3.03
CA MET B 193 15.44 -21.64 -3.92
C MET B 193 16.70 -22.44 -3.63
N GLU B 194 17.75 -21.76 -3.18
CA GLU B 194 18.97 -22.41 -2.64
C GLU B 194 18.60 -23.67 -1.89
N ASN B 195 17.83 -23.47 -0.82
CA ASN B 195 17.46 -24.51 0.12
C ASN B 195 15.96 -24.42 0.35
N PHE B 196 15.18 -24.97 -0.58
CA PHE B 196 13.72 -24.90 -0.45
C PHE B 196 13.16 -25.84 0.66
N ASP B 197 12.07 -25.41 1.32
CA ASP B 197 11.50 -26.06 2.51
C ASP B 197 9.99 -25.84 2.60
N TYR B 198 9.17 -26.83 2.20
CA TYR B 198 7.69 -26.72 2.20
C TYR B 198 7.04 -26.56 3.59
N SER B 199 7.84 -26.68 4.65
CA SER B 199 7.43 -26.36 6.03
C SER B 199 7.27 -24.87 6.30
N ASN B 200 8.15 -24.06 5.71
CA ASN B 200 8.18 -22.62 5.96
C ASN B 200 7.08 -21.89 5.22
N GLU B 201 6.32 -21.10 5.98
CA GLU B 201 5.17 -20.34 5.48
C GLU B 201 5.62 -19.30 4.45
N GLU B 202 6.76 -18.64 4.71
CA GLU B 202 7.32 -17.62 3.82
C GLU B 202 7.72 -18.18 2.45
N HIS B 203 8.52 -19.25 2.46
CA HIS B 203 8.99 -19.94 1.21
C HIS B 203 7.79 -20.38 0.40
N MET B 204 6.82 -20.94 1.13
CA MET B 204 5.52 -21.34 0.59
C MET B 204 4.72 -20.13 0.12
N THR B 205 4.71 -19.05 0.92
CA THR B 205 4.07 -17.80 0.53
C THR B 205 4.68 -17.22 -0.75
N LEU B 206 6.00 -17.26 -0.86
CA LEU B 206 6.70 -16.73 -2.04
C LEU B 206 6.38 -17.55 -3.26
N LEU B 207 6.35 -18.87 -3.06
CA LEU B 207 5.97 -19.82 -4.10
C LEU B 207 4.61 -19.42 -4.66
N LYS B 208 3.64 -19.26 -3.76
CA LYS B 208 2.27 -18.89 -4.13
C LYS B 208 2.19 -17.66 -5.05
N MET B 209 2.99 -16.63 -4.74
CA MET B 209 3.08 -15.40 -5.54
C MET B 209 3.63 -15.67 -6.94
N ILE B 210 4.73 -16.44 -6.99
CA ILE B 210 5.36 -16.80 -8.25
C ILE B 210 4.30 -17.44 -9.14
N LEU B 211 3.65 -18.47 -8.60
CA LEU B 211 2.66 -19.27 -9.34
C LEU B 211 1.62 -18.37 -10.04
N ILE B 212 1.03 -17.45 -9.28
CA ILE B 212 0.00 -16.53 -9.81
C ILE B 212 0.49 -15.56 -10.88
N LYS B 213 1.74 -15.09 -10.74
CA LYS B 213 2.35 -14.20 -11.73
C LYS B 213 2.45 -14.92 -13.06
N CYS B 214 3.04 -16.12 -13.00
CA CYS B 214 3.25 -17.00 -14.15
C CYS B 214 1.99 -17.10 -14.96
N CYS B 215 0.87 -17.16 -14.23
CA CYS B 215 -0.45 -17.11 -14.84
C CYS B 215 -0.85 -15.75 -15.50
N ASP B 216 -0.79 -14.57 -14.82
CA ASP B 216 -1.18 -13.25 -15.45
C ASP B 216 -0.56 -13.20 -16.85
N ILE B 217 0.74 -13.48 -16.91
CA ILE B 217 1.50 -13.41 -18.16
C ILE B 217 1.59 -14.73 -18.97
N SER B 218 0.80 -15.76 -18.61
CA SER B 218 0.86 -17.08 -19.28
C SER B 218 -0.01 -17.14 -20.55
N ASN B 219 0.42 -16.45 -21.60
CA ASN B 219 -0.24 -16.55 -22.88
C ASN B 219 0.53 -17.42 -23.85
N GLU B 220 1.83 -17.14 -24.04
CA GLU B 220 2.67 -17.91 -24.97
C GLU B 220 3.07 -19.35 -24.51
N VAL B 221 2.65 -19.75 -23.30
CA VAL B 221 2.69 -21.17 -22.89
C VAL B 221 1.68 -21.98 -23.72
N ARG B 222 0.52 -21.38 -24.02
CA ARG B 222 -0.55 -22.03 -24.79
C ARG B 222 -0.12 -22.24 -26.24
N PRO B 223 -0.86 -23.08 -27.01
CA PRO B 223 -0.57 -23.26 -28.44
C PRO B 223 -0.70 -21.95 -29.23
N MET B 224 0.22 -21.64 -30.14
CA MET B 224 0.23 -20.32 -30.85
C MET B 224 -0.98 -20.09 -31.78
N GLU B 225 -1.90 -21.06 -31.85
CA GLU B 225 -3.26 -20.81 -32.29
C GLU B 225 -3.98 -19.99 -31.21
N VAL B 226 -3.88 -20.50 -29.97
CA VAL B 226 -4.48 -19.89 -28.77
C VAL B 226 -3.69 -18.69 -28.24
N ALA B 227 -2.36 -18.77 -28.28
CA ALA B 227 -1.45 -17.87 -27.55
C ALA B 227 -1.08 -16.53 -28.22
N GLU B 228 -1.13 -16.51 -29.56
CA GLU B 228 -0.73 -15.35 -30.38
C GLU B 228 -1.79 -14.21 -30.49
N PRO B 229 -3.11 -14.52 -30.49
CA PRO B 229 -4.14 -13.44 -30.42
C PRO B 229 -4.12 -12.50 -29.17
N TRP B 230 -3.47 -12.92 -28.07
CA TRP B 230 -3.17 -12.07 -26.89
C TRP B 230 -1.95 -11.11 -27.06
N VAL B 231 -1.33 -11.07 -28.24
CA VAL B 231 -0.34 -10.04 -28.60
C VAL B 231 -0.90 -9.07 -29.68
N ASP B 232 -2.09 -9.33 -30.20
CA ASP B 232 -2.84 -8.34 -30.98
C ASP B 232 -3.67 -7.51 -30.00
N CYS B 233 -4.21 -8.19 -29.00
CA CYS B 233 -4.94 -7.58 -27.87
C CYS B 233 -4.13 -6.66 -26.94
N LEU B 234 -2.99 -7.16 -26.42
CA LEU B 234 -2.06 -6.43 -25.51
C LEU B 234 -1.62 -5.10 -26.12
N LEU B 235 -1.31 -5.12 -27.41
CA LEU B 235 -0.82 -3.93 -28.12
C LEU B 235 -1.97 -2.95 -28.49
N GLU B 236 -3.15 -3.48 -28.78
CA GLU B 236 -4.33 -2.65 -29.04
C GLU B 236 -4.64 -1.72 -27.85
N GLU B 237 -4.46 -2.26 -26.64
CA GLU B 237 -4.49 -1.50 -25.36
C GLU B 237 -3.27 -0.54 -25.29
N TYR B 238 -2.06 -1.11 -25.28
CA TYR B 238 -0.76 -0.38 -25.21
C TYR B 238 -0.64 0.86 -26.12
N PHE B 239 -1.23 0.76 -27.32
CA PHE B 239 -1.24 1.87 -28.28
C PHE B 239 -2.25 2.92 -27.87
N MET B 240 -3.46 2.47 -27.49
CA MET B 240 -4.54 3.38 -27.09
C MET B 240 -4.10 4.38 -26.01
N GLN B 241 -3.33 3.86 -25.04
CA GLN B 241 -2.64 4.63 -24.00
C GLN B 241 -1.63 5.62 -24.61
N SER B 242 -0.62 5.09 -25.30
CA SER B 242 0.44 5.92 -25.92
C SER B 242 -0.06 6.92 -27.00
N ASP B 243 -1.34 6.82 -27.40
CA ASP B 243 -2.02 7.82 -28.24
C ASP B 243 -2.46 9.03 -27.44
N ARG B 244 -3.12 8.74 -26.32
CA ARG B 244 -3.53 9.73 -25.35
C ARG B 244 -2.30 10.36 -24.66
N GLU B 245 -1.34 9.53 -24.24
CA GLU B 245 -0.10 9.96 -23.54
C GLU B 245 0.74 10.97 -24.32
N LYS B 246 0.94 10.75 -25.61
CA LYS B 246 1.52 11.78 -26.48
C LYS B 246 0.58 12.97 -26.57
N SER B 247 -0.72 12.70 -26.72
CA SER B 247 -1.80 13.73 -26.81
C SER B 247 -2.06 14.60 -25.56
N GLU B 248 -1.54 14.17 -24.41
CA GLU B 248 -1.56 14.93 -23.17
C GLU B 248 -0.14 15.32 -22.68
N GLY B 249 0.83 15.45 -23.59
CA GLY B 249 2.23 15.77 -23.22
C GLY B 249 3.00 14.76 -22.37
N LEU B 250 2.40 13.60 -22.11
CA LEU B 250 2.90 12.66 -21.12
C LEU B 250 3.95 11.72 -21.68
N PRO B 251 4.93 11.29 -20.83
CA PRO B 251 5.94 10.37 -21.33
C PRO B 251 5.30 9.12 -21.92
N VAL B 252 5.95 8.57 -22.94
CA VAL B 252 5.52 7.35 -23.55
C VAL B 252 6.64 6.34 -23.35
N ALA B 253 6.28 5.08 -23.14
CA ALA B 253 7.27 4.03 -23.07
C ALA B 253 7.81 3.77 -24.49
N PRO B 254 9.04 3.23 -24.60
CA PRO B 254 9.46 2.70 -25.90
C PRO B 254 8.57 1.51 -26.29
N PHE B 255 8.44 0.55 -25.35
CA PHE B 255 7.69 -0.68 -25.55
C PHE B 255 6.17 -0.53 -25.83
N MET B 256 5.61 0.66 -25.63
CA MET B 256 4.22 0.96 -26.00
C MET B 256 4.07 1.86 -27.22
N ASP B 257 5.16 2.49 -27.63
CA ASP B 257 5.15 3.44 -28.75
C ASP B 257 4.68 2.69 -30.01
N ARG B 258 3.86 3.35 -30.84
CA ARG B 258 3.46 2.76 -32.14
C ARG B 258 4.64 2.37 -33.02
N ASP B 259 5.57 3.30 -33.16
CA ASP B 259 6.64 3.20 -34.14
C ASP B 259 7.98 2.76 -33.53
N LYS B 260 7.93 1.91 -32.51
CA LYS B 260 9.10 1.17 -32.03
C LYS B 260 8.84 -0.30 -31.73
N VAL B 261 7.65 -0.80 -32.07
CA VAL B 261 7.23 -2.13 -31.68
C VAL B 261 6.79 -2.91 -32.93
N THR B 262 7.27 -4.15 -33.05
CA THR B 262 6.72 -5.14 -33.99
C THR B 262 6.52 -6.41 -33.19
N LYS B 263 5.27 -6.91 -33.16
CA LYS B 263 4.87 -8.06 -32.32
C LYS B 263 6.04 -8.97 -31.90
N ALA B 264 6.73 -9.49 -32.91
CA ALA B 264 7.84 -10.43 -32.73
C ALA B 264 8.87 -9.91 -31.73
N THR B 265 9.57 -8.83 -32.10
CA THR B 265 10.56 -8.22 -31.22
C THR B 265 10.06 -8.15 -29.79
N ALA B 266 8.82 -7.67 -29.62
CA ALA B 266 8.22 -7.52 -28.29
C ALA B 266 8.23 -8.83 -27.50
N GLN B 267 7.71 -9.89 -28.11
CA GLN B 267 7.53 -11.15 -27.40
C GLN B 267 8.83 -11.96 -27.24
N ILE B 268 9.85 -11.69 -28.07
CA ILE B 268 11.12 -12.44 -28.00
C ILE B 268 11.84 -12.19 -26.67
N GLY B 269 12.00 -10.93 -26.30
CA GLY B 269 12.54 -10.57 -24.99
C GLY B 269 11.60 -10.90 -23.84
N PHE B 270 10.29 -10.70 -24.09
CA PHE B 270 9.21 -11.04 -23.14
C PHE B 270 9.19 -12.55 -22.83
N ILE B 271 9.70 -13.35 -23.78
CA ILE B 271 9.89 -14.81 -23.64
C ILE B 271 11.28 -15.17 -23.09
N LYS B 272 12.31 -14.58 -23.68
CA LYS B 272 13.71 -14.87 -23.33
C LYS B 272 14.08 -14.34 -21.94
N PHE B 273 13.75 -13.07 -21.68
CA PHE B 273 14.17 -12.38 -20.46
C PHE B 273 13.13 -12.34 -19.31
N VAL B 274 11.92 -12.85 -19.54
CA VAL B 274 10.84 -12.89 -18.51
C VAL B 274 10.27 -14.30 -18.28
N LEU B 275 9.67 -14.89 -19.33
CA LEU B 275 8.92 -16.15 -19.23
C LEU B 275 9.83 -17.32 -18.97
N ILE B 276 10.76 -17.54 -19.89
CA ILE B 276 11.64 -18.70 -19.83
C ILE B 276 12.33 -18.80 -18.45
N PRO B 277 13.08 -17.77 -18.01
CA PRO B 277 13.81 -17.89 -16.74
C PRO B 277 12.93 -17.99 -15.48
N MET B 278 11.67 -17.56 -15.59
CA MET B 278 10.69 -17.76 -14.51
C MET B 278 10.30 -19.24 -14.46
N PHE B 279 9.76 -19.75 -15.56
CA PHE B 279 9.35 -21.15 -15.65
C PHE B 279 10.50 -22.14 -15.41
N GLU B 280 11.73 -21.74 -15.77
CA GLU B 280 12.96 -22.52 -15.49
C GLU B 280 13.21 -22.76 -13.99
N THR B 281 13.03 -21.72 -13.16
CA THR B 281 13.17 -21.86 -11.68
C THR B 281 11.88 -22.38 -10.99
N VAL B 282 10.78 -22.48 -11.73
CA VAL B 282 9.56 -23.21 -11.30
C VAL B 282 9.77 -24.71 -11.44
N THR B 283 10.49 -25.07 -12.50
CA THR B 283 10.74 -26.45 -12.87
C THR B 283 11.70 -27.19 -11.91
N LYS B 284 12.65 -26.49 -11.27
CA LYS B 284 13.51 -27.13 -10.24
C LYS B 284 12.71 -27.81 -9.12
N LEU B 285 11.65 -27.16 -8.64
CA LEU B 285 10.72 -27.72 -7.65
C LEU B 285 9.69 -28.69 -8.24
N PHE B 286 9.26 -28.45 -9.48
CA PHE B 286 8.26 -29.28 -10.16
C PHE B 286 8.68 -29.63 -11.59
N PRO B 287 9.37 -30.79 -11.80
CA PRO B 287 9.98 -31.13 -13.11
C PRO B 287 8.99 -31.21 -14.32
N MET B 288 7.82 -31.80 -14.08
CA MET B 288 6.71 -31.84 -15.06
C MET B 288 6.31 -30.48 -15.64
N VAL B 289 6.76 -29.41 -15.00
CA VAL B 289 6.66 -28.06 -15.55
C VAL B 289 7.49 -27.93 -16.83
N GLU B 290 8.67 -28.56 -16.88
CA GLU B 290 9.52 -28.51 -18.09
C GLU B 290 8.77 -29.04 -19.30
N GLU B 291 8.26 -30.26 -19.18
CA GLU B 291 7.68 -30.95 -20.31
C GLU B 291 6.56 -30.12 -20.94
N ILE B 292 5.59 -29.75 -20.10
CA ILE B 292 4.30 -29.22 -20.57
C ILE B 292 4.43 -27.78 -21.09
N MET B 293 5.25 -26.97 -20.40
CA MET B 293 5.23 -25.51 -20.52
C MET B 293 6.47 -24.93 -21.18
N LEU B 294 7.65 -25.22 -20.62
CA LEU B 294 8.90 -24.71 -21.19
C LEU B 294 9.07 -25.11 -22.66
N GLN B 295 8.42 -26.21 -23.08
CA GLN B 295 8.42 -26.61 -24.49
C GLN B 295 7.67 -25.64 -25.44
N PRO B 296 6.33 -25.52 -25.34
CA PRO B 296 5.60 -24.63 -26.28
C PRO B 296 6.06 -23.17 -26.29
N LEU B 297 6.71 -22.75 -25.19
CA LEU B 297 7.49 -21.53 -25.14
C LEU B 297 8.63 -21.56 -26.16
N TRP B 298 9.63 -22.43 -25.91
CA TRP B 298 10.85 -22.50 -26.74
C TRP B 298 10.49 -22.42 -28.22
N GLU B 299 9.44 -23.14 -28.61
CA GLU B 299 8.92 -23.17 -29.99
C GLU B 299 8.23 -21.89 -30.45
N SER B 300 7.55 -21.21 -29.53
CA SER B 300 6.96 -19.89 -29.83
C SER B 300 8.03 -18.81 -30.07
N ARG B 301 9.16 -18.91 -29.37
CA ARG B 301 10.36 -18.06 -29.57
C ARG B 301 10.97 -18.25 -30.97
N ASP B 302 11.16 -19.51 -31.35
CA ASP B 302 11.58 -19.88 -32.71
C ASP B 302 10.62 -19.29 -33.72
N ARG B 303 9.34 -19.56 -33.52
CA ARG B 303 8.26 -19.07 -34.38
C ARG B 303 8.25 -17.55 -34.58
N TYR B 304 8.50 -16.82 -33.49
CA TYR B 304 8.53 -15.36 -33.56
C TYR B 304 9.83 -14.82 -34.21
N GLU B 305 10.99 -15.43 -33.91
CA GLU B 305 12.28 -14.99 -34.48
C GLU B 305 12.41 -15.19 -36.02
N GLU B 306 11.62 -16.12 -36.56
CA GLU B 306 11.50 -16.29 -38.02
C GLU B 306 10.53 -15.27 -38.56
N LEU B 307 9.37 -15.19 -37.90
CA LEU B 307 8.39 -14.12 -38.13
C LEU B 307 9.09 -12.75 -38.14
N LYS B 308 10.13 -12.62 -37.32
CA LYS B 308 11.03 -11.45 -37.35
C LYS B 308 11.66 -11.19 -38.73
N ARG B 309 12.29 -12.19 -39.35
CA ARG B 309 12.94 -11.98 -40.68
C ARG B 309 11.96 -11.75 -41.86
N ILE B 310 10.70 -12.15 -41.70
CA ILE B 310 9.63 -11.73 -42.62
C ILE B 310 9.34 -10.24 -42.41
N ASP B 311 9.29 -9.80 -41.15
CA ASP B 311 9.16 -8.37 -40.79
C ASP B 311 10.37 -7.51 -41.24
N ASP B 312 11.58 -8.08 -41.14
CA ASP B 312 12.82 -7.35 -41.43
C ASP B 312 13.10 -7.19 -42.93
N ALA B 313 12.72 -8.19 -43.72
CA ALA B 313 12.76 -8.10 -45.18
C ALA B 313 11.78 -7.06 -45.72
N MET B 314 10.53 -7.12 -45.24
CA MET B 314 9.49 -6.13 -45.56
C MET B 314 10.03 -4.69 -45.34
N LYS B 315 10.31 -4.34 -44.08
CA LYS B 315 10.89 -3.03 -43.75
C LYS B 315 12.39 -3.02 -44.06
ZN ZN C . -0.71 12.11 14.41
MG MG D . -1.88 9.01 12.32
NA NA E . -13.59 19.77 9.88
C5 R4I F . 1.25 8.91 23.94
C6 R4I F . 0.82 8.74 22.65
C7 R4I F . 0.32 5.61 25.43
C8 R4I F . 0.53 4.24 24.82
C10 R4I F . -0.61 5.19 22.77
C13 R4I F . -3.21 4.49 26.49
C15 R4I F . 1.01 9.82 21.75
C17 R4I F . -0.21 7.38 20.93
C20 R4I F . -0.96 7.03 18.29
C21 R4I F . -1.83 6.71 19.32
C22 R4I F . -1.46 6.88 20.63
C24 R4I F . 0.53 3.10 22.73
C28 R4I F . -1.31 1.09 20.04
C29 R4I F . -0.58 0.74 18.76
C30 R4I F . 0.86 0.74 19.23
C35 R4I F . 2.00 0.26 18.61
C34 R4I F . 3.23 0.37 19.23
C33 R4I F . 3.30 0.94 20.48
C32 R4I F . 2.16 1.41 21.10
C31 R4I F . 0.95 1.31 20.48
N27 R4I F . -0.27 1.68 20.86
C25 R4I F . -0.53 2.48 21.88
O26 R4I F . -1.69 2.75 22.13
N9 R4I F . -0.22 4.03 23.58
C11 R4I F . -1.01 5.80 26.14
C12 R4I F . -1.67 4.45 26.46
C2 R4I F . 0.06 6.51 23.16
C3 R4I F . 0.49 6.70 24.44
N4 R4I F . 1.09 7.88 24.84
O14 R4I F . 1.77 9.94 24.33
N16 R4I F . 1.16 10.68 21.04
C1 R4I F . 0.22 7.55 22.25
C18 R4I F . 0.66 7.68 19.90
C19 R4I F . 0.29 7.52 18.58
C23 R4I F . -1.37 6.85 16.83
ZN ZN G . -3.72 -10.11 -15.31
MG MG H . -2.87 -6.81 -13.39
NA NA I . -18.46 -5.08 -16.94
#